data_1VIM
#
_entry.id   1VIM
#
_cell.length_a   73.661
_cell.length_b   91.829
_cell.length_c   101.957
_cell.angle_alpha   90.00
_cell.angle_beta   90.00
_cell.angle_gamma   90.00
#
_symmetry.space_group_name_H-M   'P 21 21 21'
#
loop_
_entity.id
_entity.type
_entity.pdbx_description
1 polymer 'Hypothetical protein AF1796'
2 non-polymer 'FORMIC ACID'
3 water water
#
_entity_poly.entity_id   1
_entity_poly.type   'polypeptide(L)'
_entity_poly.pdbx_seq_one_letter_code
;MGHHHHHHGGHMSLLRFLEVVSEHIKNLRNHIDLETVGEMIKLIDSARSIFVIGAGRSGYIAKAFAMRLMHLGYTVYVVG
ETVTPRITDQDVLVGISGSGETTSVVNISKKAKDIGSKLVAVTGKRDSSLAKMADVVMVVKGKMKQERDEILSQLAPLGT
MFELTAMIFLDALVAEIMMQKHLTEKDLEARHAVLEEGGS
;
_entity_poly.pdbx_strand_id   A,B,C,D
#
# COMPACT_ATOMS: atom_id res chain seq x y z
N HIS A 8 -23.40 21.92 18.01
CA HIS A 8 -22.11 22.65 18.07
C HIS A 8 -21.28 22.31 19.32
N GLY A 9 -21.14 23.28 20.23
CA GLY A 9 -20.21 23.19 21.35
C GLY A 9 -20.25 21.97 22.24
N GLY A 10 -21.43 21.35 22.35
CA GLY A 10 -21.58 20.16 23.17
C GLY A 10 -21.20 18.88 22.44
N HIS A 11 -21.12 18.94 21.11
CA HIS A 11 -20.79 17.78 20.26
C HIS A 11 -21.53 16.50 20.67
N MET A 12 -22.85 16.58 20.68
CA MET A 12 -23.67 15.51 21.19
C MET A 12 -23.58 14.23 20.39
N SER A 13 -23.49 14.30 19.06
CA SER A 13 -23.37 13.08 18.26
C SER A 13 -22.03 12.38 18.51
N LEU A 14 -20.97 13.15 18.71
CA LEU A 14 -19.67 12.55 19.07
C LEU A 14 -19.83 11.69 20.34
N LEU A 15 -20.48 12.28 21.34
CA LEU A 15 -20.65 11.60 22.64
C LEU A 15 -21.60 10.41 22.56
N ARG A 16 -22.66 10.56 21.76
CA ARG A 16 -23.62 9.48 21.56
C ARG A 16 -22.93 8.29 20.88
N PHE A 17 -22.07 8.59 19.89
CA PHE A 17 -21.34 7.53 19.24
C PHE A 17 -20.48 6.74 20.26
N LEU A 18 -19.78 7.45 21.13
CA LEU A 18 -18.97 6.78 22.13
C LEU A 18 -19.78 5.93 23.07
N GLU A 19 -20.99 6.38 23.41
CA GLU A 19 -21.87 5.56 24.25
C GLU A 19 -22.21 4.28 23.52
N VAL A 20 -22.54 4.36 22.24
CA VAL A 20 -22.86 3.17 21.45
C VAL A 20 -21.67 2.21 21.41
N VAL A 21 -20.45 2.73 21.18
CA VAL A 21 -19.26 1.88 21.20
C VAL A 21 -19.15 1.14 22.54
N SER A 22 -19.35 1.87 23.66
CA SER A 22 -19.32 1.26 25.00
C SER A 22 -20.30 0.09 25.08
N GLU A 23 -21.51 0.29 24.59
CA GLU A 23 -22.53 -0.76 24.66
C GLU A 23 -22.14 -1.95 23.83
N HIS A 24 -21.56 -1.71 22.65
CA HIS A 24 -21.14 -2.81 21.79
C HIS A 24 -19.98 -3.61 22.36
N ILE A 25 -19.06 -2.95 23.06
CA ILE A 25 -17.97 -3.71 23.66
C ILE A 25 -18.49 -4.55 24.81
N LYS A 26 -19.39 -3.98 25.61
CA LYS A 26 -20.06 -4.77 26.65
C LYS A 26 -20.78 -5.97 26.04
N ASN A 27 -21.47 -5.75 24.91
CA ASN A 27 -22.18 -6.82 24.22
C ASN A 27 -21.24 -7.94 23.80
N LEU A 28 -20.10 -7.55 23.26
CA LEU A 28 -19.09 -8.52 22.87
C LEU A 28 -18.60 -9.32 24.07
N ARG A 29 -18.31 -8.63 25.16
CA ARG A 29 -17.86 -9.30 26.38
C ARG A 29 -18.88 -10.35 26.80
N ASN A 30 -20.15 -10.00 26.74
CA ASN A 30 -21.19 -10.87 27.29
C ASN A 30 -21.67 -11.97 26.35
N HIS A 31 -21.26 -11.92 25.08
CA HIS A 31 -21.80 -12.84 24.09
C HIS A 31 -20.81 -13.58 23.23
N ILE A 32 -19.54 -13.20 23.33
CA ILE A 32 -18.50 -13.85 22.54
C ILE A 32 -18.49 -15.37 22.74
N ASP A 33 -18.36 -16.11 21.64
CA ASP A 33 -18.33 -17.55 21.70
C ASP A 33 -16.90 -18.02 21.96
N LEU A 34 -16.65 -18.43 23.19
CA LEU A 34 -15.31 -18.75 23.66
C LEU A 34 -14.78 -20.03 23.02
N GLU A 35 -15.69 -20.95 22.70
CA GLU A 35 -15.33 -22.21 22.02
C GLU A 35 -14.76 -21.86 20.64
N THR A 36 -15.43 -20.94 19.95
CA THR A 36 -14.98 -20.53 18.64
C THR A 36 -13.63 -19.78 18.69
N VAL A 37 -13.45 -18.95 19.72
CA VAL A 37 -12.16 -18.32 19.91
C VAL A 37 -11.07 -19.40 20.01
N GLY A 38 -11.30 -20.43 20.81
CA GLY A 38 -10.32 -21.51 20.92
C GLY A 38 -10.02 -22.19 19.59
N GLU A 39 -11.06 -22.43 18.78
CA GLU A 39 -10.89 -23.08 17.46
C GLU A 39 -10.07 -22.18 16.53
N MET A 40 -10.34 -20.87 16.59
CA MET A 40 -9.56 -19.92 15.79
C MET A 40 -8.09 -19.91 16.18
N ILE A 41 -7.83 -19.86 17.49
CA ILE A 41 -6.44 -19.93 17.98
C ILE A 41 -5.77 -21.22 17.52
N LYS A 42 -6.48 -22.34 17.65
CA LYS A 42 -5.94 -23.63 17.23
C LYS A 42 -5.53 -23.64 15.75
N LEU A 43 -6.38 -23.10 14.86
CA LEU A 43 -6.03 -23.05 13.43
C LEU A 43 -4.84 -22.13 13.17
N ILE A 44 -4.82 -20.96 13.82
CA ILE A 44 -3.67 -20.06 13.68
C ILE A 44 -2.36 -20.75 14.11
N ASP A 45 -2.43 -21.49 15.22
CA ASP A 45 -1.26 -22.15 15.77
C ASP A 45 -0.80 -23.34 14.94
N SER A 46 -1.75 -24.03 14.29
CA SER A 46 -1.43 -25.29 13.59
C SER A 46 -1.10 -25.11 12.11
N ALA A 47 -1.43 -23.96 11.54
CA ALA A 47 -1.14 -23.68 10.16
C ALA A 47 0.36 -23.58 9.92
N ARG A 48 0.78 -23.89 8.70
CA ARG A 48 2.13 -23.59 8.29
C ARG A 48 2.39 -22.08 8.32
N SER A 49 1.49 -21.32 7.69
CA SER A 49 1.55 -19.87 7.72
C SER A 49 0.14 -19.31 7.61
N ILE A 50 0.01 -18.06 8.02
CA ILE A 50 -1.28 -17.38 8.11
C ILE A 50 -1.30 -16.29 7.05
N PHE A 51 -2.40 -16.25 6.31
CA PHE A 51 -2.63 -15.20 5.34
C PHE A 51 -3.85 -14.43 5.79
N VAL A 52 -3.84 -13.10 5.61
CA VAL A 52 -5.00 -12.30 6.01
C VAL A 52 -5.53 -11.48 4.84
N ILE A 53 -6.84 -11.22 4.85
CA ILE A 53 -7.43 -10.38 3.80
C ILE A 53 -8.64 -9.63 4.31
N GLY A 54 -8.76 -8.37 3.91
CA GLY A 54 -10.02 -7.64 3.96
C GLY A 54 -9.99 -6.57 2.90
N ALA A 55 -11.16 -6.06 2.55
CA ALA A 55 -11.25 -4.98 1.58
C ALA A 55 -11.45 -3.66 2.30
N GLY A 56 -10.91 -2.58 1.74
CA GLY A 56 -11.16 -1.26 2.32
C GLY A 56 -10.74 -1.17 3.78
N ARG A 57 -11.60 -0.59 4.60
CA ARG A 57 -11.30 -0.47 6.03
C ARG A 57 -11.10 -1.81 6.73
N SER A 58 -11.79 -2.87 6.31
CA SER A 58 -11.52 -4.19 6.88
C SER A 58 -10.14 -4.70 6.48
N GLY A 59 -9.62 -4.24 5.34
CA GLY A 59 -8.24 -4.53 4.99
C GLY A 59 -7.24 -3.89 5.94
N TYR A 60 -7.55 -2.69 6.42
CA TYR A 60 -6.68 -2.04 7.39
C TYR A 60 -6.69 -2.78 8.73
N ILE A 61 -7.85 -3.32 9.10
CA ILE A 61 -7.93 -4.14 10.31
C ILE A 61 -7.13 -5.43 10.12
N ALA A 62 -7.25 -6.04 8.95
CA ALA A 62 -6.52 -7.28 8.64
C ALA A 62 -5.01 -7.01 8.74
N LYS A 63 -4.55 -5.88 8.20
CA LYS A 63 -3.14 -5.51 8.29
C LYS A 63 -2.69 -5.29 9.72
N ALA A 64 -3.52 -4.61 10.53
CA ALA A 64 -3.17 -4.41 11.93
C ALA A 64 -3.01 -5.74 12.65
N PHE A 65 -3.91 -6.67 12.38
CA PHE A 65 -3.85 -7.98 13.00
C PHE A 65 -2.63 -8.75 12.51
N ALA A 66 -2.38 -8.72 11.19
CA ALA A 66 -1.23 -9.46 10.66
C ALA A 66 0.08 -8.94 11.28
N MET A 67 0.19 -7.62 11.46
CA MET A 67 1.39 -7.06 12.02
C MET A 67 1.60 -7.62 13.45
N ARG A 68 0.53 -7.68 14.24
CA ARG A 68 0.63 -8.25 15.59
C ARG A 68 0.97 -9.73 15.57
N LEU A 69 0.39 -10.50 14.65
CA LEU A 69 0.77 -11.91 14.55
C LEU A 69 2.26 -12.03 14.25
N MET A 70 2.79 -11.13 13.43
CA MET A 70 4.22 -11.13 13.15
C MET A 70 4.99 -10.86 14.46
N HIS A 71 4.52 -9.89 15.23
CA HIS A 71 5.14 -9.58 16.53
C HIS A 71 5.16 -10.77 17.46
N LEU A 72 4.13 -11.61 17.40
CA LEU A 72 4.02 -12.80 18.23
C LEU A 72 4.89 -13.96 17.74
N GLY A 73 5.49 -13.81 16.56
CA GLY A 73 6.41 -14.80 16.04
C GLY A 73 5.82 -15.75 15.00
N TYR A 74 4.60 -15.47 14.54
CA TYR A 74 4.02 -16.29 13.47
C TYR A 74 4.59 -15.91 12.11
N THR A 75 4.50 -16.85 11.19
CA THR A 75 4.78 -16.58 9.78
C THR A 75 3.45 -16.15 9.15
N VAL A 76 3.39 -14.89 8.75
CA VAL A 76 2.12 -14.29 8.36
C VAL A 76 2.31 -13.37 7.16
N TYR A 77 1.25 -13.27 6.35
CA TYR A 77 1.26 -12.44 5.14
C TYR A 77 -0.08 -11.81 4.96
N VAL A 78 -0.06 -10.72 4.20
CA VAL A 78 -1.31 -10.06 3.75
C VAL A 78 -1.51 -10.40 2.27
N VAL A 79 -2.70 -10.89 1.93
CA VAL A 79 -3.00 -11.24 0.54
C VAL A 79 -2.82 -10.02 -0.35
N GLY A 80 -2.13 -10.22 -1.48
CA GLY A 80 -1.90 -9.16 -2.44
C GLY A 80 -0.67 -8.30 -2.23
N GLU A 81 -0.02 -8.45 -1.09
CA GLU A 81 1.15 -7.65 -0.79
C GLU A 81 2.45 -8.21 -1.37
N THR A 82 3.49 -7.38 -1.33
CA THR A 82 4.66 -7.65 -2.15
C THR A 82 5.32 -9.00 -1.89
N VAL A 83 5.62 -9.31 -0.62
CA VAL A 83 6.44 -10.51 -0.33
C VAL A 83 5.60 -11.73 0.00
N THR A 84 4.29 -11.67 -0.22
CA THR A 84 3.41 -12.80 0.04
C THR A 84 3.64 -13.92 -0.95
N PRO A 85 3.97 -15.12 -0.47
CA PRO A 85 4.21 -16.24 -1.38
C PRO A 85 2.92 -17.02 -1.67
N ARG A 86 3.07 -18.05 -2.50
CA ARG A 86 1.97 -18.96 -2.82
C ARG A 86 1.27 -19.51 -1.56
N ILE A 87 -0.03 -19.36 -1.50
CA ILE A 87 -0.78 -20.02 -0.42
C ILE A 87 -0.94 -21.53 -0.75
N THR A 88 -0.94 -22.36 0.29
CA THR A 88 -0.97 -23.80 0.10
C THR A 88 -2.02 -24.44 0.98
N ASP A 89 -2.19 -25.76 0.79
CA ASP A 89 -3.15 -26.52 1.58
C ASP A 89 -2.74 -26.76 3.05
N GLN A 90 -1.59 -26.24 3.48
CA GLN A 90 -1.22 -26.28 4.89
C GLN A 90 -1.44 -24.95 5.61
N ASP A 91 -1.93 -23.95 4.88
CA ASP A 91 -2.06 -22.61 5.44
C ASP A 91 -3.48 -22.31 5.90
N VAL A 92 -3.62 -21.18 6.56
CA VAL A 92 -4.93 -20.69 6.94
C VAL A 92 -5.09 -19.25 6.45
N LEU A 93 -6.24 -18.96 5.90
CA LEU A 93 -6.62 -17.61 5.48
C LEU A 93 -7.61 -17.08 6.50
N VAL A 94 -7.37 -15.86 6.96
CA VAL A 94 -8.30 -15.16 7.84
C VAL A 94 -8.91 -14.04 7.00
N GLY A 95 -10.20 -14.12 6.75
CA GLY A 95 -10.91 -13.12 5.99
C GLY A 95 -11.81 -12.30 6.88
N ILE A 96 -11.74 -10.99 6.75
CA ILE A 96 -12.53 -10.08 7.57
C ILE A 96 -13.52 -9.36 6.70
N SER A 97 -14.80 -9.56 6.97
CA SER A 97 -15.90 -8.95 6.19
C SER A 97 -17.13 -8.86 7.05
N GLY A 98 -17.65 -7.66 7.27
CA GLY A 98 -18.82 -7.50 8.11
C GLY A 98 -20.02 -8.27 7.63
N SER A 99 -20.35 -8.07 6.36
CA SER A 99 -21.49 -8.74 5.75
C SER A 99 -21.19 -10.18 5.39
N GLY A 100 -19.91 -10.52 5.26
CA GLY A 100 -19.54 -11.83 4.70
C GLY A 100 -19.86 -11.95 3.21
N GLU A 101 -20.11 -10.82 2.54
CA GLU A 101 -20.45 -10.81 1.10
C GLU A 101 -19.48 -10.00 0.27
N THR A 102 -18.50 -9.39 0.92
CA THR A 102 -17.54 -8.51 0.27
C THR A 102 -16.93 -9.25 -0.91
N THR A 103 -17.14 -8.73 -2.13
CA THR A 103 -16.91 -9.54 -3.33
C THR A 103 -15.47 -10.03 -3.45
N SER A 104 -14.53 -9.11 -3.26
CA SER A 104 -13.13 -9.50 -3.44
C SER A 104 -12.70 -10.55 -2.41
N VAL A 105 -13.20 -10.41 -1.18
CA VAL A 105 -12.83 -11.31 -0.09
C VAL A 105 -13.46 -12.69 -0.31
N VAL A 106 -14.72 -12.71 -0.75
CA VAL A 106 -15.35 -13.99 -1.07
C VAL A 106 -14.65 -14.70 -2.22
N ASN A 107 -14.32 -13.96 -3.28
CA ASN A 107 -13.68 -14.59 -4.44
C ASN A 107 -12.30 -15.15 -4.09
N ILE A 108 -11.51 -14.38 -3.36
CA ILE A 108 -10.18 -14.83 -2.94
C ILE A 108 -10.31 -16.04 -2.01
N SER A 109 -11.29 -16.02 -1.11
CA SER A 109 -11.44 -17.11 -0.15
C SER A 109 -11.88 -18.37 -0.85
N LYS A 110 -12.73 -18.26 -1.87
CA LYS A 110 -13.09 -19.45 -2.66
C LYS A 110 -11.85 -20.03 -3.35
N LYS A 111 -11.00 -19.20 -3.92
CA LYS A 111 -9.78 -19.71 -4.54
C LYS A 111 -8.89 -20.40 -3.51
N ALA A 112 -8.74 -19.80 -2.34
CA ALA A 112 -7.97 -20.41 -1.26
C ALA A 112 -8.53 -21.78 -0.83
N LYS A 113 -9.86 -21.86 -0.71
CA LYS A 113 -10.54 -23.10 -0.35
C LYS A 113 -10.30 -24.16 -1.42
N ASP A 114 -10.31 -23.76 -2.69
CA ASP A 114 -10.03 -24.71 -3.78
C ASP A 114 -8.60 -25.24 -3.77
N ILE A 115 -7.65 -24.39 -3.39
CA ILE A 115 -6.26 -24.80 -3.17
C ILE A 115 -6.13 -25.76 -1.98
N GLY A 116 -7.05 -25.61 -1.02
CA GLY A 116 -7.12 -26.45 0.15
C GLY A 116 -6.70 -25.79 1.45
N SER A 117 -6.41 -24.49 1.43
CA SER A 117 -6.21 -23.75 2.66
C SER A 117 -7.45 -23.83 3.55
N LYS A 118 -7.24 -23.73 4.85
CA LYS A 118 -8.35 -23.53 5.77
C LYS A 118 -8.73 -22.03 5.81
N LEU A 119 -9.92 -21.74 6.32
CA LEU A 119 -10.46 -20.39 6.32
C LEU A 119 -11.13 -20.08 7.63
N VAL A 120 -10.74 -18.97 8.24
CA VAL A 120 -11.43 -18.38 9.36
C VAL A 120 -12.14 -17.15 8.84
N ALA A 121 -13.45 -17.08 9.07
CA ALA A 121 -14.23 -15.90 8.69
C ALA A 121 -14.49 -15.08 9.92
N VAL A 122 -14.06 -13.82 9.92
CA VAL A 122 -14.38 -12.86 10.97
C VAL A 122 -15.47 -11.97 10.37
N THR A 123 -16.68 -12.15 10.84
CA THR A 123 -17.85 -11.60 10.16
C THR A 123 -19.00 -11.39 11.12
N GLY A 124 -19.95 -10.53 10.75
CA GLY A 124 -21.13 -10.33 11.55
C GLY A 124 -22.27 -11.26 11.15
N LYS A 125 -22.10 -12.04 10.09
CA LYS A 125 -23.21 -12.81 9.53
C LYS A 125 -22.85 -14.28 9.43
N ARG A 126 -23.39 -15.09 10.34
CA ARG A 126 -23.05 -16.52 10.42
C ARG A 126 -23.50 -17.32 9.18
N ASP A 127 -24.45 -16.76 8.44
CA ASP A 127 -25.03 -17.41 7.26
C ASP A 127 -24.56 -16.85 5.91
N SER A 128 -23.53 -16.02 5.96
CA SER A 128 -23.04 -15.33 4.78
C SER A 128 -22.26 -16.24 3.83
N SER A 129 -22.04 -15.77 2.59
CA SER A 129 -21.20 -16.50 1.66
C SER A 129 -19.82 -16.86 2.27
N LEU A 130 -19.17 -15.90 2.94
CA LEU A 130 -17.87 -16.17 3.50
C LEU A 130 -17.95 -17.21 4.61
N ALA A 131 -18.94 -17.07 5.50
CA ALA A 131 -19.09 -17.99 6.62
C ALA A 131 -19.36 -19.41 6.15
N LYS A 132 -20.18 -19.57 5.10
CA LYS A 132 -20.49 -20.92 4.61
C LYS A 132 -19.28 -21.67 4.11
N MET A 133 -18.24 -20.97 3.66
CA MET A 133 -17.01 -21.57 3.20
C MET A 133 -16.01 -21.86 4.32
N ALA A 134 -16.26 -21.32 5.50
CA ALA A 134 -15.21 -21.24 6.52
C ALA A 134 -15.12 -22.47 7.38
N ASP A 135 -13.90 -22.79 7.79
CA ASP A 135 -13.71 -23.83 8.78
C ASP A 135 -14.11 -23.38 10.17
N VAL A 136 -13.89 -22.10 10.47
CA VAL A 136 -14.24 -21.49 11.73
C VAL A 136 -14.90 -20.16 11.40
N VAL A 137 -16.10 -19.97 11.94
CA VAL A 137 -16.87 -18.74 11.73
C VAL A 137 -16.84 -17.99 13.04
N MET A 138 -16.04 -16.92 13.10
CA MET A 138 -15.89 -16.13 14.29
C MET A 138 -16.81 -14.94 14.21
N VAL A 139 -17.96 -15.04 14.89
CA VAL A 139 -19.00 -14.04 14.74
C VAL A 139 -18.73 -12.86 15.63
N VAL A 140 -18.57 -11.70 15.00
CA VAL A 140 -18.41 -10.43 15.68
C VAL A 140 -19.43 -9.52 15.05
N LYS A 141 -20.49 -9.20 15.78
CA LYS A 141 -21.61 -8.40 15.22
C LYS A 141 -21.26 -6.95 15.05
N GLY A 142 -21.84 -6.32 14.02
CA GLY A 142 -21.89 -4.87 13.96
C GLY A 142 -23.16 -4.41 14.65
N LYS A 143 -24.30 -4.68 14.02
CA LYS A 143 -25.61 -4.35 14.60
C LYS A 143 -26.07 -5.42 15.60
N MET A 144 -26.61 -4.97 16.74
CA MET A 144 -27.15 -5.88 17.74
C MET A 144 -28.61 -6.19 17.48
N LYS A 145 -29.09 -7.29 18.08
CA LYS A 145 -30.45 -7.80 17.93
C LYS A 145 -31.48 -6.68 18.14
N GLN A 146 -31.27 -5.91 19.20
CA GLN A 146 -32.23 -4.89 19.63
C GLN A 146 -32.10 -3.58 18.85
N GLU A 147 -31.09 -3.45 17.99
CA GLU A 147 -30.89 -2.20 17.24
C GLU A 147 -31.52 -2.17 15.87
N ARG A 148 -32.05 -1.02 15.47
CA ARG A 148 -32.46 -0.76 14.08
C ARG A 148 -31.26 -0.28 13.28
N ASP A 149 -31.07 -0.87 12.10
CA ASP A 149 -29.92 -0.51 11.30
C ASP A 149 -29.87 0.94 10.90
N GLU A 150 -31.01 1.52 10.55
CA GLU A 150 -31.09 2.91 10.13
C GLU A 150 -30.63 3.87 11.21
N ILE A 151 -30.97 3.57 12.46
CA ILE A 151 -30.60 4.46 13.55
C ILE A 151 -29.10 4.30 13.84
N LEU A 152 -28.64 3.05 13.91
CA LEU A 152 -27.22 2.80 14.13
C LEU A 152 -26.36 3.42 13.04
N SER A 153 -26.78 3.32 11.77
CA SER A 153 -25.94 3.76 10.67
C SER A 153 -25.79 5.27 10.60
N GLN A 154 -26.69 6.01 11.25
CA GLN A 154 -26.54 7.46 11.31
C GLN A 154 -25.30 7.90 12.11
N LEU A 155 -24.95 7.12 13.14
CA LEU A 155 -23.75 7.37 13.95
C LEU A 155 -22.57 6.59 13.43
N ALA A 156 -22.82 5.38 12.90
CA ALA A 156 -21.78 4.39 12.57
C ALA A 156 -22.07 3.88 11.16
N PRO A 157 -21.79 4.71 10.15
CA PRO A 157 -22.20 4.36 8.78
C PRO A 157 -21.34 3.25 8.18
N LEU A 158 -21.86 2.58 7.17
CA LEU A 158 -21.08 1.72 6.29
C LEU A 158 -20.32 0.66 7.07
N GLY A 159 -20.91 0.12 8.11
CA GLY A 159 -20.23 -0.97 8.82
C GLY A 159 -19.15 -0.56 9.82
N THR A 160 -19.07 0.72 10.18
CA THR A 160 -18.15 1.21 11.21
C THR A 160 -18.20 0.41 12.49
N MET A 161 -19.39 0.09 12.97
CA MET A 161 -19.44 -0.63 14.25
C MET A 161 -18.85 -2.04 14.16
N PHE A 162 -19.12 -2.75 13.08
CA PHE A 162 -18.45 -4.04 12.87
C PHE A 162 -16.93 -3.84 12.88
N GLU A 163 -16.43 -2.82 12.17
CA GLU A 163 -15.00 -2.67 12.02
C GLU A 163 -14.33 -2.37 13.36
N LEU A 164 -14.91 -1.49 14.15
CA LEU A 164 -14.34 -1.21 15.47
C LEU A 164 -14.41 -2.43 16.38
N THR A 165 -15.51 -3.14 16.33
CA THR A 165 -15.67 -4.28 17.22
C THR A 165 -14.70 -5.39 16.80
N ALA A 166 -14.52 -5.59 15.50
CA ALA A 166 -13.61 -6.61 15.00
C ALA A 166 -12.15 -6.24 15.38
N MET A 167 -11.79 -4.98 15.27
CA MET A 167 -10.46 -4.55 15.68
C MET A 167 -10.24 -4.85 17.15
N ILE A 168 -11.21 -4.50 17.98
CA ILE A 168 -11.07 -4.70 19.42
C ILE A 168 -11.00 -6.20 19.74
N PHE A 169 -11.85 -7.00 19.09
CA PHE A 169 -11.78 -8.43 19.22
C PHE A 169 -10.40 -9.00 18.86
N LEU A 170 -9.85 -8.57 17.72
CA LEU A 170 -8.55 -9.12 17.28
C LEU A 170 -7.42 -8.73 18.25
N ASP A 171 -7.50 -7.52 18.82
CA ASP A 171 -6.52 -7.14 19.84
C ASP A 171 -6.73 -7.95 21.12
N ALA A 172 -7.98 -8.29 21.44
CA ALA A 172 -8.26 -9.17 22.59
C ALA A 172 -7.70 -10.57 22.35
N LEU A 173 -7.82 -11.05 21.12
CA LEU A 173 -7.29 -12.35 20.75
C LEU A 173 -5.76 -12.36 20.91
N VAL A 174 -5.11 -11.27 20.50
CA VAL A 174 -3.66 -11.15 20.69
C VAL A 174 -3.31 -11.24 22.17
N ALA A 175 -4.04 -10.54 23.04
CA ALA A 175 -3.80 -10.63 24.47
C ALA A 175 -3.89 -12.08 24.95
N GLU A 176 -4.87 -12.81 24.45
CA GLU A 176 -5.08 -14.20 24.86
C GLU A 176 -3.93 -15.09 24.38
N ILE A 177 -3.52 -14.92 23.13
CA ILE A 177 -2.38 -15.68 22.60
C ILE A 177 -1.11 -15.35 23.38
N MET A 178 -0.91 -14.10 23.74
CA MET A 178 0.29 -13.76 24.53
C MET A 178 0.30 -14.52 25.84
N MET A 179 -0.85 -14.54 26.52
CA MET A 179 -0.98 -15.28 27.78
C MET A 179 -0.65 -16.76 27.57
N GLN A 180 -1.22 -17.38 26.54
CA GLN A 180 -1.02 -18.81 26.29
C GLN A 180 0.42 -19.16 25.99
N LYS A 181 1.11 -18.26 25.32
CA LYS A 181 2.46 -18.53 24.84
C LYS A 181 3.52 -17.94 25.79
N HIS A 182 3.06 -17.36 26.88
CA HIS A 182 3.91 -16.68 27.88
C HIS A 182 4.81 -15.64 27.25
N LEU A 183 4.23 -14.85 26.34
CA LEU A 183 4.92 -13.77 25.70
C LEU A 183 4.62 -12.47 26.41
N THR A 184 5.59 -11.59 26.46
CA THR A 184 5.46 -10.29 27.11
C THR A 184 5.58 -9.19 26.08
N GLU A 185 5.27 -7.97 26.47
CA GLU A 185 5.54 -6.82 25.63
C GLU A 185 6.97 -6.79 25.10
N LYS A 186 7.94 -7.14 25.94
CA LYS A 186 9.33 -7.08 25.51
C LYS A 186 9.61 -8.03 24.35
N ASP A 187 8.92 -9.16 24.35
CA ASP A 187 9.07 -10.13 23.25
C ASP A 187 8.58 -9.56 21.91
N LEU A 188 7.47 -8.85 21.95
CA LEU A 188 6.90 -8.23 20.75
C LEU A 188 7.81 -7.10 20.29
N GLU A 189 8.32 -6.33 21.26
CA GLU A 189 9.20 -5.21 20.97
C GLU A 189 10.43 -5.65 20.18
N ALA A 190 10.91 -6.85 20.45
CA ALA A 190 12.10 -7.35 19.75
C ALA A 190 11.89 -7.58 18.26
N ARG A 191 10.63 -7.81 17.86
CA ARG A 191 10.29 -8.07 16.47
C ARG A 191 9.72 -6.87 15.73
N HIS A 192 9.28 -5.84 16.44
CA HIS A 192 8.61 -4.75 15.74
C HIS A 192 9.55 -3.89 14.91
N ALA A 193 9.04 -3.43 13.77
CA ALA A 193 9.81 -2.57 12.86
C ALA A 193 10.16 -1.25 13.54
N VAL A 194 11.34 -0.75 13.24
CA VAL A 194 11.84 0.48 13.84
C VAL A 194 12.25 1.57 12.87
N LEU A 195 12.37 1.26 11.58
CA LEU A 195 12.96 2.23 10.65
C LEU A 195 12.15 3.53 10.51
N GLU A 196 10.82 3.41 10.44
CA GLU A 196 9.96 4.60 10.30
C GLU A 196 9.48 5.19 11.61
N GLU A 197 9.64 4.49 12.72
CA GLU A 197 9.13 4.97 14.00
C GLU A 197 10.24 5.48 14.93
N GLY A 198 11.40 4.84 14.87
CA GLY A 198 12.56 5.24 15.66
C GLY A 198 12.56 4.67 17.07
N GLY A 199 11.61 3.78 17.34
CA GLY A 199 11.48 3.14 18.65
C GLY A 199 11.09 4.11 19.74
N HIS B 11 -10.81 -18.22 28.66
CA HIS B 11 -10.01 -17.18 27.95
C HIS B 11 -10.05 -15.88 28.74
N MET B 12 -9.52 -15.96 29.96
CA MET B 12 -9.54 -14.86 30.89
C MET B 12 -8.89 -13.58 30.37
N SER B 13 -7.70 -13.70 29.75
CA SER B 13 -6.99 -12.53 29.25
C SER B 13 -7.76 -11.84 28.12
N LEU B 14 -8.40 -12.62 27.26
CA LEU B 14 -9.28 -12.06 26.25
C LEU B 14 -10.35 -11.17 26.88
N LEU B 15 -11.04 -11.70 27.88
CA LEU B 15 -12.13 -10.97 28.53
C LEU B 15 -11.63 -9.80 29.39
N ARG B 16 -10.49 -9.97 30.03
CA ARG B 16 -9.86 -8.87 30.81
C ARG B 16 -9.43 -7.71 29.89
N PHE B 17 -8.95 -8.05 28.70
CA PHE B 17 -8.64 -7.02 27.72
C PHE B 17 -9.91 -6.25 27.37
N LEU B 18 -11.00 -6.96 27.09
CA LEU B 18 -12.25 -6.27 26.75
C LEU B 18 -12.71 -5.36 27.90
N GLU B 19 -12.52 -5.83 29.13
CA GLU B 19 -12.86 -5.02 30.32
C GLU B 19 -12.01 -3.74 30.38
N VAL B 20 -10.72 -3.86 30.10
CA VAL B 20 -9.84 -2.69 30.07
C VAL B 20 -10.27 -1.69 28.97
N VAL B 21 -10.62 -2.22 27.80
CA VAL B 21 -11.03 -1.35 26.70
C VAL B 21 -12.32 -0.62 27.11
N SER B 22 -13.24 -1.34 27.75
CA SER B 22 -14.46 -0.76 28.30
C SER B 22 -14.17 0.41 29.23
N GLU B 23 -13.22 0.21 30.14
CA GLU B 23 -12.84 1.26 31.11
C GLU B 23 -12.28 2.48 30.38
N HIS B 24 -11.43 2.23 29.38
CA HIS B 24 -10.80 3.26 28.60
C HIS B 24 -11.79 4.09 27.77
N ILE B 25 -12.80 3.45 27.18
CA ILE B 25 -13.79 4.17 26.40
C ILE B 25 -14.68 5.03 27.31
N LYS B 26 -15.02 4.50 28.48
CA LYS B 26 -15.71 5.32 29.49
C LYS B 26 -14.87 6.57 29.83
N ASN B 27 -13.57 6.37 30.03
CA ASN B 27 -12.71 7.50 30.36
C ASN B 27 -12.62 8.53 29.23
N LEU B 28 -12.50 8.05 27.99
CA LEU B 28 -12.52 8.93 26.83
C LEU B 28 -13.80 9.77 26.80
N ARG B 29 -14.93 9.10 27.03
CA ARG B 29 -16.24 9.76 27.03
C ARG B 29 -16.29 10.87 28.06
N ASN B 30 -15.63 10.68 29.19
CA ASN B 30 -15.67 11.69 30.24
C ASN B 30 -14.72 12.85 30.02
N HIS B 31 -13.64 12.67 29.25
CA HIS B 31 -12.56 13.65 29.26
C HIS B 31 -12.18 14.37 27.96
N ILE B 32 -12.76 13.94 26.86
CA ILE B 32 -12.52 14.56 25.56
C ILE B 32 -12.71 16.08 25.62
N ASP B 33 -11.72 16.81 25.12
CA ASP B 33 -11.73 18.26 25.16
C ASP B 33 -12.60 18.74 24.00
N LEU B 34 -13.84 19.12 24.31
CA LEU B 34 -14.82 19.48 23.29
C LEU B 34 -14.44 20.75 22.53
N GLU B 35 -13.74 21.66 23.19
CA GLU B 35 -13.24 22.84 22.53
C GLU B 35 -12.25 22.47 21.44
N THR B 36 -11.35 21.54 21.75
CA THR B 36 -10.34 21.13 20.80
C THR B 36 -10.97 20.36 19.63
N VAL B 37 -12.02 19.60 19.92
CA VAL B 37 -12.75 18.92 18.85
C VAL B 37 -13.28 20.00 17.87
N GLY B 38 -13.87 21.07 18.39
CA GLY B 38 -14.40 22.09 17.53
C GLY B 38 -13.31 22.74 16.68
N GLU B 39 -12.15 22.99 17.29
CA GLU B 39 -11.03 23.57 16.54
C GLU B 39 -10.54 22.63 15.45
N MET B 40 -10.52 21.32 15.72
CA MET B 40 -10.09 20.36 14.71
C MET B 40 -11.04 20.34 13.52
N ILE B 41 -12.34 20.31 13.80
CA ILE B 41 -13.35 20.34 12.74
C ILE B 41 -13.24 21.64 11.93
N LYS B 42 -13.05 22.78 12.60
CA LYS B 42 -12.90 24.05 11.87
C LYS B 42 -11.72 23.98 10.92
N LEU B 43 -10.59 23.45 11.39
CA LEU B 43 -9.41 23.36 10.53
C LEU B 43 -9.63 22.43 9.34
N ILE B 44 -10.23 21.26 9.58
CA ILE B 44 -10.58 20.32 8.50
C ILE B 44 -11.49 21.01 7.47
N ASP B 45 -12.47 21.78 7.93
CA ASP B 45 -13.44 22.39 7.03
C ASP B 45 -12.82 23.52 6.24
N SER B 46 -11.84 24.21 6.82
CA SER B 46 -11.23 25.36 6.15
C SER B 46 -10.15 24.99 5.13
N ALA B 47 -9.59 23.78 5.24
CA ALA B 47 -8.53 23.33 4.37
C ALA B 47 -8.97 23.25 2.91
N ARG B 48 -8.08 23.56 1.99
CA ARG B 48 -8.37 23.20 0.60
C ARG B 48 -8.34 21.66 0.46
N SER B 49 -7.19 21.05 0.76
CA SER B 49 -7.09 19.60 0.81
C SER B 49 -6.58 19.20 2.19
N ILE B 50 -6.96 18.00 2.60
CA ILE B 50 -6.52 17.41 3.87
C ILE B 50 -5.58 16.25 3.56
N PHE B 51 -4.47 16.19 4.29
CA PHE B 51 -3.50 15.12 4.16
C PHE B 51 -3.43 14.42 5.49
N VAL B 52 -3.29 13.08 5.45
CA VAL B 52 -3.17 12.33 6.72
C VAL B 52 -1.94 11.48 6.74
N ILE B 53 -1.38 11.27 7.92
CA ILE B 53 -0.21 10.42 8.05
C ILE B 53 -0.14 9.74 9.40
N GLY B 54 0.29 8.49 9.40
CA GLY B 54 0.70 7.77 10.59
C GLY B 54 1.68 6.72 10.15
N ALA B 55 2.50 6.26 11.09
CA ALA B 55 3.43 5.16 10.85
C ALA B 55 2.87 3.85 11.38
N GLY B 56 3.16 2.74 10.70
CA GLY B 56 2.75 1.44 11.19
C GLY B 56 1.25 1.34 11.40
N ARG B 57 0.84 0.77 12.54
CA ARG B 57 -0.59 0.62 12.83
C ARG B 57 -1.33 1.95 12.85
N SER B 58 -0.65 3.01 13.27
CA SER B 58 -1.26 4.33 13.21
C SER B 58 -1.49 4.79 11.76
N GLY B 59 -0.67 4.29 10.83
CA GLY B 59 -0.92 4.58 9.42
C GLY B 59 -2.22 3.94 8.94
N TYR B 60 -2.55 2.77 9.47
CA TYR B 60 -3.81 2.13 9.10
C TYR B 60 -4.98 2.93 9.64
N ILE B 61 -4.81 3.51 10.83
CA ILE B 61 -5.84 4.38 11.42
C ILE B 61 -6.00 5.62 10.56
N ALA B 62 -4.89 6.20 10.16
CA ALA B 62 -4.90 7.38 9.30
C ALA B 62 -5.65 7.07 7.99
N LYS B 63 -5.38 5.90 7.39
CA LYS B 63 -6.07 5.54 6.14
C LYS B 63 -7.55 5.35 6.37
N ALA B 64 -7.95 4.70 7.45
CA ALA B 64 -9.36 4.51 7.74
C ALA B 64 -10.05 5.87 7.87
N PHE B 65 -9.41 6.82 8.55
CA PHE B 65 -9.98 8.16 8.72
C PHE B 65 -10.04 8.92 7.38
N ALA B 66 -8.96 8.86 6.59
CA ALA B 66 -8.97 9.50 5.26
C ALA B 66 -10.08 8.94 4.40
N MET B 67 -10.28 7.63 4.41
CA MET B 67 -11.35 7.07 3.59
C MET B 67 -12.71 7.65 3.99
N ARG B 68 -12.98 7.69 5.30
CA ARG B 68 -14.24 8.29 5.79
C ARG B 68 -14.36 9.78 5.45
N LEU B 69 -13.26 10.53 5.53
CA LEU B 69 -13.32 11.93 5.13
C LEU B 69 -13.72 12.05 3.66
N MET B 70 -13.18 11.18 2.82
CA MET B 70 -13.60 11.16 1.41
C MET B 70 -15.10 10.88 1.29
N HIS B 71 -15.62 9.92 2.07
CA HIS B 71 -17.05 9.64 2.03
C HIS B 71 -17.88 10.85 2.47
N LEU B 72 -17.34 11.64 3.39
CA LEU B 72 -18.01 12.84 3.90
C LEU B 72 -17.89 14.01 2.95
N GLY B 73 -17.20 13.84 1.81
CA GLY B 73 -17.15 14.89 0.81
C GLY B 73 -15.89 15.74 0.80
N TYR B 74 -14.90 15.41 1.64
CA TYR B 74 -13.65 16.18 1.67
C TYR B 74 -12.73 15.77 0.54
N THR B 75 -11.84 16.69 0.21
CA THR B 75 -10.74 16.42 -0.69
C THR B 75 -9.56 16.06 0.19
N VAL B 76 -9.17 14.79 0.12
CA VAL B 76 -8.30 14.21 1.15
C VAL B 76 -7.35 13.22 0.52
N TYR B 77 -6.14 13.15 1.09
CA TYR B 77 -5.08 12.27 0.59
C TYR B 77 -4.33 11.66 1.76
N VAL B 78 -3.62 10.56 1.49
CA VAL B 78 -2.74 9.93 2.47
C VAL B 78 -1.32 10.24 2.04
N VAL B 79 -0.52 10.78 2.96
CA VAL B 79 0.87 11.06 2.61
C VAL B 79 1.60 9.80 2.11
N GLY B 80 2.34 9.96 1.01
CA GLY B 80 3.17 8.88 0.48
C GLY B 80 2.45 8.03 -0.54
N GLU B 81 1.14 8.16 -0.67
CA GLU B 81 0.37 7.30 -1.57
C GLU B 81 0.38 7.82 -3.00
N THR B 82 -0.08 6.99 -3.93
CA THR B 82 0.19 7.20 -5.34
C THR B 82 -0.30 8.53 -5.89
N VAL B 83 -1.56 8.89 -5.63
CA VAL B 83 -2.17 10.05 -6.33
C VAL B 83 -2.11 11.31 -5.49
N THR B 84 -1.39 11.23 -4.36
CA THR B 84 -1.29 12.38 -3.45
C THR B 84 -0.51 13.50 -4.11
N PRO B 85 -1.10 14.69 -4.23
CA PRO B 85 -0.41 15.82 -4.88
C PRO B 85 0.44 16.61 -3.89
N ARG B 86 1.11 17.63 -4.40
CA ARG B 86 1.96 18.49 -3.58
C ARG B 86 1.14 19.17 -2.51
N ILE B 87 1.57 19.05 -1.26
CA ILE B 87 0.93 19.79 -0.17
C ILE B 87 1.26 21.28 -0.28
N THR B 88 0.32 22.12 0.15
CA THR B 88 0.50 23.57 0.05
C THR B 88 0.09 24.27 1.33
N ASP B 89 0.36 25.58 1.36
CA ASP B 89 -0.06 26.41 2.49
C ASP B 89 -1.58 26.65 2.59
N GLN B 90 -2.36 26.06 1.69
CA GLN B 90 -3.81 26.09 1.80
C GLN B 90 -4.37 24.85 2.48
N ASP B 91 -3.49 23.92 2.84
CA ASP B 91 -3.93 22.57 3.27
C ASP B 91 -3.72 22.33 4.75
N VAL B 92 -4.25 21.21 5.21
CA VAL B 92 -4.07 20.76 6.58
C VAL B 92 -3.53 19.35 6.58
N LEU B 93 -2.53 19.10 7.42
CA LEU B 93 -2.01 17.76 7.66
C LEU B 93 -2.53 17.26 9.03
N VAL B 94 -3.05 16.02 9.09
CA VAL B 94 -3.41 15.37 10.35
C VAL B 94 -2.41 14.26 10.59
N GLY B 95 -1.64 14.39 11.68
CA GLY B 95 -0.61 13.42 12.01
C GLY B 95 -1.01 12.64 13.22
N ILE B 96 -0.96 11.31 13.12
CA ILE B 96 -1.37 10.45 14.23
C ILE B 96 -0.15 9.76 14.81
N SER B 97 0.13 9.99 16.09
CA SER B 97 1.32 9.41 16.72
C SER B 97 1.07 9.36 18.23
N GLY B 98 1.02 8.17 18.79
CA GLY B 98 0.78 8.01 20.22
C GLY B 98 1.78 8.76 21.08
N SER B 99 3.06 8.57 20.77
CA SER B 99 4.09 9.22 21.55
C SER B 99 4.30 10.67 21.17
N GLY B 100 3.91 11.04 19.96
CA GLY B 100 4.27 12.33 19.44
C GLY B 100 5.74 12.48 19.10
N GLU B 101 6.47 11.37 19.09
CA GLU B 101 7.89 11.38 18.78
C GLU B 101 8.25 10.48 17.61
N THR B 102 7.26 9.84 17.01
CA THR B 102 7.46 8.97 15.84
C THR B 102 8.27 9.69 14.79
N THR B 103 9.42 9.14 14.38
CA THR B 103 10.39 9.90 13.59
C THR B 103 9.86 10.34 12.22
N SER B 104 9.28 9.41 11.48
CA SER B 104 8.80 9.73 10.14
C SER B 104 7.69 10.80 10.21
N VAL B 105 6.84 10.71 11.21
CA VAL B 105 5.68 11.61 11.30
C VAL B 105 6.15 13.00 11.72
N VAL B 106 7.10 13.06 12.65
CA VAL B 106 7.65 14.35 13.05
C VAL B 106 8.41 15.02 11.90
N ASN B 107 9.20 14.25 11.17
CA ASN B 107 9.95 14.81 10.02
C ASN B 107 9.01 15.34 8.92
N ILE B 108 7.99 14.55 8.58
CA ILE B 108 7.05 14.95 7.55
C ILE B 108 6.26 16.19 8.00
N SER B 109 5.88 16.19 9.28
CA SER B 109 5.06 17.30 9.78
C SER B 109 5.85 18.60 9.80
N LYS B 110 7.13 18.52 10.17
CA LYS B 110 7.99 19.70 10.12
C LYS B 110 8.08 20.25 8.69
N LYS B 111 8.27 19.38 7.70
CA LYS B 111 8.30 19.82 6.30
C LYS B 111 6.97 20.48 5.90
N ALA B 112 5.84 19.89 6.33
CA ALA B 112 4.54 20.49 6.06
C ALA B 112 4.40 21.87 6.69
N LYS B 113 4.90 22.03 7.92
CA LYS B 113 4.82 23.32 8.58
C LYS B 113 5.69 24.36 7.88
N ASP B 114 6.87 23.93 7.41
CA ASP B 114 7.75 24.83 6.65
C ASP B 114 7.06 25.32 5.37
N ILE B 115 6.32 24.44 4.70
CA ILE B 115 5.52 24.83 3.52
C ILE B 115 4.40 25.80 3.89
N GLY B 116 3.89 25.70 5.12
CA GLY B 116 2.86 26.60 5.57
C GLY B 116 1.52 25.93 5.79
N SER B 117 1.48 24.61 5.62
CA SER B 117 0.25 23.87 5.94
C SER B 117 -0.05 24.00 7.42
N LYS B 118 -1.32 23.87 7.76
CA LYS B 118 -1.70 23.71 9.15
C LYS B 118 -1.55 22.26 9.57
N LEU B 119 -1.48 22.02 10.87
CA LEU B 119 -1.20 20.70 11.42
C LEU B 119 -2.11 20.43 12.60
N VAL B 120 -2.79 19.29 12.53
CA VAL B 120 -3.48 18.72 13.67
C VAL B 120 -2.71 17.49 14.16
N ALA B 121 -2.35 17.46 15.45
CA ALA B 121 -1.65 16.31 16.01
C ALA B 121 -2.66 15.51 16.82
N VAL B 122 -2.80 14.22 16.52
CA VAL B 122 -3.62 13.32 17.33
C VAL B 122 -2.60 12.46 18.07
N THR B 123 -2.48 12.71 19.38
CA THR B 123 -1.35 12.18 20.13
C THR B 123 -1.72 12.01 21.59
N GLY B 124 -0.96 11.17 22.29
CA GLY B 124 -1.14 10.98 23.73
C GLY B 124 -0.33 11.91 24.61
N LYS B 125 0.59 12.68 24.00
CA LYS B 125 1.52 13.50 24.78
C LYS B 125 1.42 14.95 24.30
N ARG B 126 0.86 15.79 25.16
CA ARG B 126 0.49 17.14 24.80
C ARG B 126 1.68 18.09 24.55
N ASP B 127 2.87 17.75 25.05
CA ASP B 127 4.06 18.56 24.82
C ASP B 127 5.16 17.81 24.06
N SER B 128 4.75 16.75 23.35
CA SER B 128 5.66 16.03 22.45
C SER B 128 6.17 16.89 21.29
N SER B 129 7.22 16.43 20.63
CA SER B 129 7.70 17.13 19.43
C SER B 129 6.57 17.42 18.43
N LEU B 130 5.72 16.42 18.18
CA LEU B 130 4.64 16.58 17.22
C LEU B 130 3.64 17.61 17.67
N ALA B 131 3.25 17.52 18.94
CA ALA B 131 2.27 18.46 19.50
C ALA B 131 2.80 19.90 19.46
N LYS B 132 4.09 20.08 19.73
CA LYS B 132 4.65 21.45 19.81
C LYS B 132 4.59 22.17 18.46
N MET B 133 4.57 21.40 17.38
CA MET B 133 4.48 21.98 16.03
C MET B 133 3.04 22.26 15.58
N ALA B 134 2.07 21.69 16.29
CA ALA B 134 0.69 21.65 15.80
C ALA B 134 -0.13 22.88 16.10
N ASP B 135 -1.03 23.19 15.18
CA ASP B 135 -2.01 24.24 15.39
C ASP B 135 -3.14 23.80 16.31
N VAL B 136 -3.48 22.51 16.24
CA VAL B 136 -4.46 21.90 17.12
C VAL B 136 -3.85 20.61 17.66
N VAL B 137 -3.83 20.48 18.98
CA VAL B 137 -3.36 19.27 19.64
C VAL B 137 -4.55 18.53 20.19
N MET B 138 -4.90 17.44 19.53
CA MET B 138 -6.02 16.63 19.88
C MET B 138 -5.52 15.47 20.75
N VAL B 139 -5.64 15.64 22.07
CA VAL B 139 -5.06 14.68 23.00
C VAL B 139 -5.98 13.47 23.17
N VAL B 140 -5.45 12.31 22.81
CA VAL B 140 -6.13 11.03 22.91
C VAL B 140 -5.14 10.09 23.57
N LYS B 141 -5.46 9.62 24.75
CA LYS B 141 -4.48 8.88 25.52
C LYS B 141 -4.75 7.41 25.51
N GLY B 142 -3.67 6.66 25.41
CA GLY B 142 -3.68 5.21 25.46
C GLY B 142 -3.49 4.77 26.89
N LYS B 143 -2.24 4.74 27.35
CA LYS B 143 -1.98 4.46 28.75
C LYS B 143 -2.54 5.62 29.59
N MET B 144 -3.42 5.28 30.54
CA MET B 144 -4.09 6.29 31.35
C MET B 144 -3.26 6.65 32.58
N LYS B 145 -3.27 7.93 32.93
CA LYS B 145 -2.71 8.48 34.17
C LYS B 145 -1.90 7.56 35.10
N GLN B 146 -2.62 6.70 35.83
CA GLN B 146 -2.05 5.89 36.89
C GLN B 146 -2.31 4.40 36.66
N GLU B 147 -2.42 4.01 35.39
CA GLU B 147 -2.67 2.63 35.04
C GLU B 147 -1.42 1.79 35.29
N ARG B 148 -1.62 0.62 35.89
CA ARG B 148 -0.53 -0.32 36.14
C ARG B 148 0.11 -0.71 34.81
N ASP B 149 1.26 -0.10 34.54
CA ASP B 149 2.01 -0.28 33.30
C ASP B 149 2.27 -1.76 33.00
N GLU B 150 2.42 -2.56 34.06
CA GLU B 150 2.73 -3.98 33.91
C GLU B 150 1.56 -4.80 33.38
N ILE B 151 0.37 -4.63 33.96
CA ILE B 151 -0.80 -5.36 33.47
C ILE B 151 -1.29 -4.82 32.12
N LEU B 152 -1.26 -3.50 31.96
CA LEU B 152 -1.71 -2.91 30.70
C LEU B 152 -0.82 -3.33 29.53
N SER B 153 0.51 -3.27 29.73
CA SER B 153 1.47 -3.68 28.71
C SER B 153 1.32 -5.14 28.27
N GLN B 154 0.96 -6.00 29.22
CA GLN B 154 0.77 -7.40 28.94
C GLN B 154 -0.50 -7.67 28.11
N LEU B 155 -1.56 -6.91 28.38
CA LEU B 155 -2.82 -7.10 27.67
C LEU B 155 -2.84 -6.29 26.39
N ALA B 156 -2.17 -5.16 26.43
CA ALA B 156 -2.24 -4.15 25.36
C ALA B 156 -0.86 -3.64 25.03
N PRO B 157 -0.04 -4.47 24.40
CA PRO B 157 1.37 -4.15 24.20
C PRO B 157 1.61 -3.02 23.19
N LEU B 158 2.77 -2.38 23.28
CA LEU B 158 3.17 -1.42 22.29
C LEU B 158 2.08 -0.31 22.28
N GLY B 159 1.65 0.13 21.12
CA GLY B 159 0.68 1.22 21.15
C GLY B 159 -0.79 0.83 21.17
N THR B 160 -1.12 -0.41 21.55
CA THR B 160 -2.45 -0.95 21.29
C THR B 160 -3.57 -0.08 21.81
N MET B 161 -3.49 0.36 23.07
CA MET B 161 -4.58 1.16 23.66
C MET B 161 -4.72 2.51 23.00
N PHE B 162 -3.61 3.19 22.74
CA PHE B 162 -3.68 4.46 22.01
C PHE B 162 -4.35 4.25 20.64
N GLU B 163 -3.91 3.23 19.91
CA GLU B 163 -4.43 2.98 18.58
C GLU B 163 -5.94 2.73 18.56
N LEU B 164 -6.44 1.91 19.48
CA LEU B 164 -7.88 1.64 19.53
C LEU B 164 -8.62 2.90 19.91
N THR B 165 -8.07 3.65 20.87
CA THR B 165 -8.74 4.85 21.34
C THR B 165 -8.77 5.91 20.23
N ALA B 166 -7.68 6.05 19.49
CA ALA B 166 -7.63 7.01 18.38
C ALA B 166 -8.61 6.61 17.28
N MET B 167 -8.71 5.32 16.96
CA MET B 167 -9.65 4.86 15.96
C MET B 167 -11.08 5.17 16.36
N ILE B 168 -11.39 4.91 17.63
CA ILE B 168 -12.74 5.16 18.16
C ILE B 168 -13.04 6.67 18.16
N PHE B 169 -12.06 7.47 18.59
CA PHE B 169 -12.25 8.92 18.60
C PHE B 169 -12.50 9.43 17.16
N LEU B 170 -11.69 8.99 16.19
CA LEU B 170 -11.85 9.50 14.81
C LEU B 170 -13.19 9.08 14.21
N ASP B 171 -13.68 7.87 14.51
CA ASP B 171 -15.04 7.51 14.09
C ASP B 171 -16.12 8.32 14.81
N ALA B 172 -15.86 8.70 16.05
CA ALA B 172 -16.78 9.58 16.76
C ALA B 172 -16.80 10.96 16.10
N LEU B 173 -15.62 11.44 15.67
CA LEU B 173 -15.53 12.71 14.96
C LEU B 173 -16.35 12.66 13.66
N VAL B 174 -16.27 11.54 12.95
CA VAL B 174 -17.08 11.34 11.74
C VAL B 174 -18.58 11.44 12.04
N ALA B 175 -19.02 10.82 13.14
CA ALA B 175 -20.43 10.92 13.54
C ALA B 175 -20.82 12.37 13.77
N GLU B 176 -19.94 13.13 14.42
CA GLU B 176 -20.16 14.55 14.69
C GLU B 176 -20.24 15.36 13.39
N ILE B 177 -19.30 15.15 12.48
CA ILE B 177 -19.34 15.86 11.20
C ILE B 177 -20.59 15.51 10.40
N MET B 178 -21.00 14.24 10.40
CA MET B 178 -22.23 13.87 9.72
C MET B 178 -23.41 14.66 10.26
N MET B 179 -23.47 14.79 11.57
CA MET B 179 -24.54 15.57 12.17
C MET B 179 -24.50 17.04 11.75
N GLN B 180 -23.30 17.63 11.79
CA GLN B 180 -23.13 19.05 11.49
C GLN B 180 -23.49 19.38 10.04
N LYS B 181 -23.19 18.45 9.13
CA LYS B 181 -23.50 18.59 7.70
C LYS B 181 -24.84 18.00 7.31
N HIS B 182 -25.55 17.43 8.28
CA HIS B 182 -26.83 16.81 8.04
C HIS B 182 -26.73 15.72 6.97
N LEU B 183 -25.73 14.86 7.11
CA LEU B 183 -25.53 13.76 6.18
C LEU B 183 -26.13 12.51 6.77
N THR B 184 -26.55 11.62 5.88
CA THR B 184 -26.97 10.30 6.30
C THR B 184 -26.10 9.27 5.64
N GLU B 185 -26.29 8.01 6.02
CA GLU B 185 -25.49 6.95 5.44
C GLU B 185 -25.57 6.96 3.91
N LYS B 186 -26.76 7.21 3.34
CA LYS B 186 -26.90 7.18 1.89
C LYS B 186 -25.99 8.20 1.22
N ASP B 187 -25.75 9.32 1.88
CA ASP B 187 -24.85 10.32 1.28
C ASP B 187 -23.41 9.81 1.18
N LEU B 188 -22.98 9.05 2.17
CA LEU B 188 -21.66 8.45 2.15
C LEU B 188 -21.59 7.28 1.18
N GLU B 189 -22.66 6.50 1.11
CA GLU B 189 -22.73 5.39 0.19
C GLU B 189 -22.61 5.85 -1.26
N ALA B 190 -23.04 7.08 -1.57
CA ALA B 190 -22.92 7.59 -2.93
C ALA B 190 -21.45 7.73 -3.37
N ARG B 191 -20.56 7.93 -2.41
CA ARG B 191 -19.15 8.19 -2.70
C ARG B 191 -18.27 6.97 -2.53
N HIS B 192 -18.72 5.96 -1.80
CA HIS B 192 -17.79 4.91 -1.50
C HIS B 192 -17.47 4.02 -2.69
N ALA B 193 -16.24 3.54 -2.71
CA ALA B 193 -15.74 2.65 -3.75
C ALA B 193 -16.47 1.34 -3.71
N VAL B 194 -16.83 0.83 -4.88
CA VAL B 194 -17.61 -0.40 -4.95
C VAL B 194 -16.91 -1.53 -5.68
N LEU B 195 -15.79 -1.27 -6.34
CA LEU B 195 -15.20 -2.29 -7.22
C LEU B 195 -14.81 -3.55 -6.45
N GLU B 196 -14.21 -3.38 -5.28
CA GLU B 196 -13.75 -4.53 -4.48
C GLU B 196 -14.85 -5.01 -3.52
N GLU B 197 -15.59 -4.08 -2.94
CA GLU B 197 -16.63 -4.46 -1.96
C GLU B 197 -17.88 -5.10 -2.53
N GLY B 198 -18.37 -4.58 -3.66
CA GLY B 198 -19.61 -5.06 -4.25
C GLY B 198 -20.88 -4.27 -3.89
N GLY C 9 -1.50 12.31 -34.96
CA GLY C 9 -1.69 10.98 -35.60
C GLY C 9 -0.41 10.17 -35.68
N GLY C 10 0.72 10.87 -35.79
CA GLY C 10 2.02 10.21 -35.88
C GLY C 10 2.67 9.97 -34.53
N HIS C 11 2.22 10.69 -33.51
CA HIS C 11 2.75 10.56 -32.13
C HIS C 11 4.30 10.57 -32.07
N MET C 12 4.90 11.63 -32.59
CA MET C 12 6.37 11.74 -32.70
C MET C 12 7.11 11.70 -31.37
N SER C 13 6.53 12.30 -30.33
CA SER C 13 7.17 12.31 -29.01
C SER C 13 7.15 10.93 -28.37
N LEU C 14 6.07 10.19 -28.58
CA LEU C 14 5.98 8.79 -28.12
C LEU C 14 7.12 7.98 -28.73
N LEU C 15 7.28 8.10 -30.04
CA LEU C 15 8.27 7.31 -30.75
C LEU C 15 9.66 7.74 -30.40
N ARG C 16 9.88 9.04 -30.25
CA ARG C 16 11.20 9.52 -29.87
C ARG C 16 11.58 9.04 -28.45
N PHE C 17 10.61 9.06 -27.54
CA PHE C 17 10.90 8.57 -26.21
C PHE C 17 11.40 7.11 -26.27
N LEU C 18 10.73 6.27 -27.07
CA LEU C 18 11.14 4.88 -27.18
C LEU C 18 12.54 4.74 -27.74
N GLU C 19 12.88 5.56 -28.73
CA GLU C 19 14.24 5.54 -29.29
C GLU C 19 15.25 5.91 -28.20
N VAL C 20 14.94 6.95 -27.42
CA VAL C 20 15.86 7.40 -26.37
C VAL C 20 16.05 6.33 -25.29
N VAL C 21 14.97 5.67 -24.88
CA VAL C 21 15.08 4.60 -23.89
C VAL C 21 16.00 3.48 -24.37
N SER C 22 15.82 3.05 -25.61
CA SER C 22 16.68 1.97 -26.10
C SER C 22 18.17 2.39 -26.08
N GLU C 23 18.47 3.64 -26.45
CA GLU C 23 19.86 4.16 -26.35
C GLU C 23 20.38 4.17 -24.94
N HIS C 24 19.53 4.54 -23.98
CA HIS C 24 19.93 4.52 -22.59
C HIS C 24 20.23 3.11 -22.10
N ILE C 25 19.46 2.11 -22.53
CA ILE C 25 19.73 0.74 -22.08
C ILE C 25 21.01 0.18 -22.70
N LYS C 26 21.28 0.53 -23.96
CA LYS C 26 22.57 0.22 -24.57
C LYS C 26 23.68 0.89 -23.79
N ASN C 27 23.51 2.17 -23.46
CA ASN C 27 24.48 2.86 -22.61
C ASN C 27 24.74 2.11 -21.31
N LEU C 28 23.67 1.69 -20.65
CA LEU C 28 23.83 0.93 -19.43
C LEU C 28 24.63 -0.36 -19.67
N ARG C 29 24.31 -1.08 -20.73
CA ARG C 29 24.94 -2.37 -21.03
C ARG C 29 26.45 -2.22 -21.23
N ASN C 30 26.85 -1.04 -21.67
CA ASN C 30 28.26 -0.75 -21.95
C ASN C 30 29.03 0.05 -20.92
N HIS C 31 28.35 0.55 -19.88
CA HIS C 31 29.02 1.38 -18.87
C HIS C 31 28.88 0.85 -17.47
N ILE C 32 28.00 -0.13 -17.29
CA ILE C 32 27.74 -0.68 -15.96
C ILE C 32 29.03 -1.27 -15.36
N ASP C 33 29.20 -1.04 -14.06
CA ASP C 33 30.36 -1.51 -13.33
C ASP C 33 30.10 -2.93 -12.83
N LEU C 34 30.68 -3.91 -13.50
CA LEU C 34 30.43 -5.30 -13.17
C LEU C 34 31.02 -5.70 -11.82
N GLU C 35 32.06 -4.98 -11.39
CA GLU C 35 32.63 -5.22 -10.07
C GLU C 35 31.60 -4.86 -9.00
N THR C 36 30.97 -3.71 -9.15
CA THR C 36 29.93 -3.32 -8.22
C THR C 36 28.71 -4.28 -8.25
N VAL C 37 28.33 -4.72 -9.43
CA VAL C 37 27.30 -5.74 -9.52
C VAL C 37 27.65 -6.99 -8.69
N GLY C 38 28.88 -7.47 -8.81
CA GLY C 38 29.27 -8.65 -8.07
C GLY C 38 29.24 -8.39 -6.57
N GLU C 39 29.65 -7.19 -6.14
CA GLU C 39 29.58 -6.83 -4.72
C GLU C 39 28.13 -6.78 -4.20
N MET C 40 27.22 -6.28 -5.02
CA MET C 40 25.81 -6.24 -4.65
C MET C 40 25.25 -7.67 -4.48
N ILE C 41 25.58 -8.54 -5.43
CA ILE C 41 25.13 -9.92 -5.37
C ILE C 41 25.67 -10.60 -4.12
N LYS C 42 26.94 -10.38 -3.82
CA LYS C 42 27.54 -10.94 -2.63
C LYS C 42 26.81 -10.50 -1.35
N LEU C 43 26.48 -9.21 -1.24
CA LEU C 43 25.70 -8.77 -0.05
C LEU C 43 24.31 -9.37 0.02
N ILE C 44 23.62 -9.43 -1.11
CA ILE C 44 22.29 -10.03 -1.11
C ILE C 44 22.36 -11.47 -0.63
N ASP C 45 23.40 -12.20 -1.08
CA ASP C 45 23.51 -13.60 -0.72
C ASP C 45 23.98 -13.83 0.70
N SER C 46 24.78 -12.92 1.24
CA SER C 46 25.31 -13.13 2.61
C SER C 46 24.38 -12.62 3.71
N ALA C 47 23.48 -11.71 3.36
CA ALA C 47 22.55 -11.15 4.33
C ALA C 47 21.61 -12.19 4.91
N ARG C 48 21.23 -12.02 6.18
CA ARG C 48 20.19 -12.86 6.73
C ARG C 48 18.84 -12.59 6.02
N SER C 49 18.51 -11.29 5.92
CA SER C 49 17.31 -10.82 5.26
C SER C 49 17.68 -9.60 4.44
N ILE C 50 16.91 -9.37 3.37
CA ILE C 50 17.05 -8.18 2.54
C ILE C 50 15.86 -7.26 2.77
N PHE C 51 16.13 -5.97 2.94
CA PHE C 51 15.07 -4.97 3.06
C PHE C 51 15.22 -4.02 1.89
N VAL C 52 14.09 -3.59 1.32
CA VAL C 52 14.16 -2.66 0.20
C VAL C 52 13.33 -1.41 0.49
N ILE C 53 13.75 -0.30 -0.09
CA ILE C 53 12.97 0.94 0.04
C ILE C 53 13.21 1.88 -1.11
N GLY C 54 12.15 2.61 -1.46
CA GLY C 54 12.22 3.76 -2.35
C GLY C 54 11.03 4.62 -2.04
N ALA C 55 11.08 5.89 -2.41
CA ALA C 55 9.93 6.78 -2.26
C ALA C 55 9.21 6.88 -3.60
N GLY C 56 7.89 7.01 -3.58
CA GLY C 56 7.12 7.22 -4.80
C GLY C 56 7.36 6.15 -5.84
N ARG C 57 7.65 6.57 -7.08
CA ARG C 57 7.88 5.60 -8.16
C ARG C 57 9.05 4.67 -7.87
N SER C 58 10.10 5.19 -7.23
CA SER C 58 11.20 4.32 -6.88
C SER C 58 10.80 3.28 -5.83
N GLY C 59 9.78 3.59 -5.02
CA GLY C 59 9.22 2.59 -4.10
C GLY C 59 8.53 1.46 -4.85
N TYR C 60 7.86 1.77 -5.97
CA TYR C 60 7.23 0.72 -6.80
C TYR C 60 8.29 -0.19 -7.41
N ILE C 61 9.41 0.39 -7.82
CA ILE C 61 10.52 -0.39 -8.34
C ILE C 61 11.12 -1.28 -7.25
N ALA C 62 11.27 -0.72 -6.06
CA ALA C 62 11.75 -1.49 -4.93
C ALA C 62 10.83 -2.68 -4.65
N LYS C 63 9.51 -2.47 -4.69
CA LYS C 63 8.58 -3.58 -4.48
C LYS C 63 8.67 -4.63 -5.57
N ALA C 64 8.80 -4.20 -6.83
CA ALA C 64 8.95 -5.19 -7.92
C ALA C 64 10.16 -6.08 -7.69
N PHE C 65 11.26 -5.47 -7.27
CA PHE C 65 12.49 -6.21 -7.04
C PHE C 65 12.36 -7.11 -5.82
N ALA C 66 11.78 -6.62 -4.73
CA ALA C 66 11.56 -7.45 -3.56
C ALA C 66 10.71 -8.67 -3.88
N MET C 67 9.67 -8.49 -4.71
CA MET C 67 8.81 -9.62 -5.05
C MET C 67 9.64 -10.70 -5.75
N ARG C 68 10.47 -10.27 -6.70
CA ARG C 68 11.34 -11.22 -7.43
C ARG C 68 12.36 -11.89 -6.50
N LEU C 69 12.94 -11.14 -5.56
CA LEU C 69 13.87 -11.77 -4.63
C LEU C 69 13.14 -12.84 -3.81
N MET C 70 11.88 -12.60 -3.47
CA MET C 70 11.07 -13.61 -2.79
C MET C 70 10.92 -14.84 -3.69
N HIS C 71 10.67 -14.63 -4.99
CA HIS C 71 10.52 -15.76 -5.89
C HIS C 71 11.79 -16.59 -5.98
N LEU C 72 12.94 -15.92 -5.84
CA LEU C 72 14.24 -16.58 -5.90
C LEU C 72 14.54 -17.38 -4.65
N GLY C 73 13.77 -17.17 -3.57
CA GLY C 73 13.98 -17.91 -2.34
C GLY C 73 14.62 -17.11 -1.21
N TYR C 74 14.88 -15.82 -1.40
CA TYR C 74 15.40 -14.98 -0.32
C TYR C 74 14.34 -14.60 0.69
N THR C 75 14.80 -14.32 1.90
CA THR C 75 13.94 -13.70 2.91
C THR C 75 14.05 -12.20 2.71
N VAL C 76 12.94 -11.57 2.35
CA VAL C 76 12.97 -10.19 1.88
C VAL C 76 11.74 -9.45 2.38
N TYR C 77 11.91 -8.15 2.61
CA TYR C 77 10.86 -7.29 3.09
C TYR C 77 10.95 -5.92 2.48
N VAL C 78 9.81 -5.24 2.46
CA VAL C 78 9.75 -3.84 2.02
C VAL C 78 9.60 -2.96 3.25
N VAL C 79 10.49 -1.97 3.40
CA VAL C 79 10.40 -1.09 4.55
C VAL C 79 9.06 -0.41 4.61
N GLY C 80 8.49 -0.38 5.82
CA GLY C 80 7.21 0.27 6.01
C GLY C 80 5.99 -0.66 5.84
N GLU C 81 6.17 -1.86 5.27
CA GLU C 81 5.03 -2.74 5.02
C GLU C 81 4.66 -3.59 6.21
N THR C 82 3.50 -4.20 6.13
CA THR C 82 2.85 -4.78 7.29
C THR C 82 3.67 -5.81 8.05
N VAL C 83 4.20 -6.81 7.35
CA VAL C 83 4.82 -7.95 8.03
C VAL C 83 6.34 -7.78 8.17
N THR C 84 6.85 -6.61 7.82
CA THR C 84 8.30 -6.37 7.90
C THR C 84 8.75 -6.30 9.37
N PRO C 85 9.71 -7.14 9.78
CA PRO C 85 10.18 -7.11 11.17
C PRO C 85 11.33 -6.13 11.36
N ARG C 86 11.77 -6.02 12.61
CA ARG C 86 12.91 -5.22 12.97
C ARG C 86 14.12 -5.58 12.13
N ILE C 87 14.70 -4.56 11.49
CA ILE C 87 15.97 -4.75 10.78
C ILE C 87 17.14 -4.90 11.78
N THR C 88 18.13 -5.70 11.39
CA THR C 88 19.30 -6.00 12.25
C THR C 88 20.59 -5.75 11.52
N ASP C 89 21.68 -5.82 12.28
CA ASP C 89 23.02 -5.66 11.67
C ASP C 89 23.46 -6.82 10.79
N GLN C 90 22.64 -7.86 10.68
CA GLN C 90 22.90 -8.96 9.76
C GLN C 90 22.16 -8.86 8.44
N ASP C 91 21.40 -7.78 8.28
CA ASP C 91 20.61 -7.58 7.07
C ASP C 91 21.24 -6.59 6.12
N VAL C 92 20.70 -6.53 4.90
CA VAL C 92 21.13 -5.52 3.95
C VAL C 92 19.88 -4.75 3.55
N LEU C 93 20.02 -3.45 3.50
CA LEU C 93 19.02 -2.55 2.95
C LEU C 93 19.44 -2.09 1.55
N VAL C 94 18.52 -2.24 0.59
CA VAL C 94 18.70 -1.73 -0.76
C VAL C 94 17.81 -0.50 -0.89
N GLY C 95 18.43 0.66 -1.08
CA GLY C 95 17.70 1.92 -1.21
C GLY C 95 17.80 2.42 -2.63
N ILE C 96 16.66 2.76 -3.21
CA ILE C 96 16.63 3.22 -4.60
C ILE C 96 16.26 4.70 -4.62
N SER C 97 17.15 5.53 -5.16
CA SER C 97 16.88 6.99 -5.21
C SER C 97 17.73 7.55 -6.36
N GLY C 98 17.09 8.14 -7.36
CA GLY C 98 17.85 8.66 -8.49
C GLY C 98 18.87 9.74 -8.12
N SER C 99 18.38 10.72 -7.38
CA SER C 99 19.25 11.81 -6.91
C SER C 99 20.15 11.39 -5.79
N GLY C 100 19.76 10.35 -5.04
CA GLY C 100 20.48 9.99 -3.84
C GLY C 100 20.24 10.99 -2.71
N GLU C 101 19.27 11.88 -2.87
CA GLU C 101 18.96 12.89 -1.87
C GLU C 101 17.58 12.76 -1.28
N THR C 102 16.82 11.79 -1.77
CA THR C 102 15.46 11.57 -1.31
C THR C 102 15.41 11.52 0.22
N THR C 103 14.74 12.48 0.81
CA THR C 103 14.83 12.64 2.27
C THR C 103 14.37 11.44 3.07
N SER C 104 13.21 10.88 2.72
CA SER C 104 12.71 9.73 3.46
C SER C 104 13.68 8.56 3.38
N VAL C 105 14.23 8.31 2.20
CA VAL C 105 15.12 7.19 1.99
C VAL C 105 16.46 7.39 2.70
N VAL C 106 16.97 8.62 2.64
CA VAL C 106 18.20 8.95 3.34
C VAL C 106 18.03 8.78 4.85
N ASN C 107 16.91 9.30 5.38
CA ASN C 107 16.62 9.19 6.80
C ASN C 107 16.50 7.74 7.27
N ILE C 108 15.76 6.92 6.52
CA ILE C 108 15.64 5.49 6.84
C ILE C 108 17.01 4.80 6.76
N SER C 109 17.80 5.13 5.74
CA SER C 109 19.11 4.52 5.57
C SER C 109 20.07 4.88 6.70
N LYS C 110 19.99 6.12 7.18
CA LYS C 110 20.82 6.53 8.32
C LYS C 110 20.48 5.65 9.54
N LYS C 111 19.19 5.45 9.81
CA LYS C 111 18.78 4.60 10.95
C LYS C 111 19.30 3.18 10.75
N ALA C 112 19.21 2.66 9.52
CA ALA C 112 19.69 1.30 9.26
C ALA C 112 21.20 1.20 9.52
N LYS C 113 21.94 2.24 9.11
CA LYS C 113 23.38 2.25 9.34
C LYS C 113 23.72 2.34 10.84
N ASP C 114 22.91 3.06 11.61
CA ASP C 114 23.11 3.10 13.06
C ASP C 114 22.90 1.72 13.69
N ILE C 115 21.94 0.96 13.16
CA ILE C 115 21.72 -0.39 13.65
C ILE C 115 22.86 -1.30 13.19
N GLY C 116 23.49 -0.97 12.05
CA GLY C 116 24.63 -1.72 11.57
C GLY C 116 24.33 -2.55 10.34
N SER C 117 23.13 -2.43 9.77
CA SER C 117 22.85 -3.10 8.50
C SER C 117 23.80 -2.61 7.41
N LYS C 118 24.03 -3.48 6.44
CA LYS C 118 24.72 -3.06 5.21
C LYS C 118 23.73 -2.32 4.31
N LEU C 119 24.26 -1.47 3.43
CA LEU C 119 23.43 -0.65 2.56
C LEU C 119 23.95 -0.69 1.13
N VAL C 120 23.05 -0.99 0.20
CA VAL C 120 23.28 -0.83 -1.23
C VAL C 120 22.49 0.37 -1.68
N ALA C 121 23.14 1.34 -2.31
CA ALA C 121 22.46 2.48 -2.90
C ALA C 121 22.37 2.28 -4.40
N VAL C 122 21.14 2.22 -4.93
CA VAL C 122 20.93 2.21 -6.37
C VAL C 122 20.54 3.63 -6.73
N THR C 123 21.47 4.33 -7.38
CA THR C 123 21.33 5.77 -7.56
C THR C 123 22.05 6.22 -8.84
N GLY C 124 21.64 7.39 -9.33
CA GLY C 124 22.32 8.00 -10.46
C GLY C 124 23.49 8.90 -10.06
N LYS C 125 23.65 9.14 -8.76
CA LYS C 125 24.59 10.16 -8.27
C LYS C 125 25.56 9.54 -7.28
N ARG C 126 26.79 9.30 -7.74
CA ARG C 126 27.76 8.54 -6.96
C ARG C 126 28.31 9.28 -5.73
N ASP C 127 28.12 10.60 -5.67
CA ASP C 127 28.56 11.39 -4.51
C ASP C 127 27.41 12.03 -3.74
N SER C 128 26.22 11.46 -3.93
CA SER C 128 25.03 11.88 -3.21
C SER C 128 25.09 11.45 -1.74
N SER C 129 24.20 12.03 -0.96
CA SER C 129 24.03 11.66 0.43
C SER C 129 23.84 10.15 0.62
N LEU C 130 23.00 9.53 -0.20
CA LEU C 130 22.73 8.11 -0.01
C LEU C 130 23.98 7.29 -0.38
N ALA C 131 24.62 7.70 -1.48
CA ALA C 131 25.79 6.96 -1.95
C ALA C 131 26.91 6.98 -0.88
N LYS C 132 27.08 8.13 -0.24
CA LYS C 132 28.17 8.31 0.72
C LYS C 132 28.05 7.38 1.93
N MET C 133 26.82 6.97 2.24
CA MET C 133 26.55 6.10 3.37
C MET C 133 26.67 4.63 3.03
N ALA C 134 26.69 4.32 1.75
CA ALA C 134 26.51 2.94 1.31
C ALA C 134 27.77 2.10 1.31
N ASP C 135 27.59 0.82 1.58
CA ASP C 135 28.63 -0.18 1.38
C ASP C 135 28.90 -0.46 -0.11
N VAL C 136 27.83 -0.51 -0.90
CA VAL C 136 27.93 -0.69 -2.36
C VAL C 136 27.13 0.42 -3.00
N VAL C 137 27.77 1.18 -3.89
CA VAL C 137 27.12 2.23 -4.67
C VAL C 137 26.93 1.71 -6.09
N MET C 138 25.70 1.32 -6.38
CA MET C 138 25.36 0.72 -7.65
C MET C 138 24.86 1.86 -8.53
N VAL C 139 25.77 2.40 -9.36
CA VAL C 139 25.46 3.57 -10.16
C VAL C 139 24.69 3.19 -11.41
N VAL C 140 23.50 3.75 -11.50
CA VAL C 140 22.60 3.56 -12.64
C VAL C 140 22.14 4.94 -13.02
N LYS C 141 22.64 5.47 -14.13
CA LYS C 141 22.41 6.87 -14.41
C LYS C 141 21.19 7.06 -15.26
N GLY C 142 20.51 8.18 -15.05
CA GLY C 142 19.40 8.61 -15.87
C GLY C 142 19.78 9.48 -17.06
N LYS C 143 20.70 10.41 -16.87
CA LYS C 143 21.15 11.28 -17.97
C LYS C 143 22.48 10.78 -18.51
N MET C 144 22.64 10.91 -19.82
CA MET C 144 23.87 10.54 -20.48
C MET C 144 24.75 11.77 -20.67
N LYS C 145 26.07 11.52 -20.72
CA LYS C 145 27.10 12.54 -20.91
C LYS C 145 26.71 13.72 -21.81
N GLN C 146 26.31 13.40 -23.03
CA GLN C 146 26.18 14.38 -24.10
C GLN C 146 24.75 14.92 -24.22
N GLU C 147 23.88 14.42 -23.35
CA GLU C 147 22.48 14.84 -23.35
C GLU C 147 22.27 16.20 -22.70
N ARG C 148 21.35 16.97 -23.28
CA ARG C 148 20.90 18.23 -22.71
C ARG C 148 19.77 17.96 -21.73
N ASP C 149 19.89 18.51 -20.52
CA ASP C 149 18.92 18.32 -19.44
C ASP C 149 17.51 18.72 -19.86
N GLU C 150 17.40 19.87 -20.54
CA GLU C 150 16.12 20.44 -20.96
C GLU C 150 15.40 19.58 -22.00
N ILE C 151 16.17 18.77 -22.75
CA ILE C 151 15.61 17.94 -23.80
C ILE C 151 15.16 16.60 -23.21
N LEU C 152 16.04 16.02 -22.40
CA LEU C 152 15.72 14.75 -21.75
C LEU C 152 14.52 14.91 -20.81
N SER C 153 14.48 16.01 -20.05
CA SER C 153 13.41 16.25 -19.08
C SER C 153 12.03 16.48 -19.72
N GLN C 154 11.99 16.97 -20.94
CA GLN C 154 10.73 17.10 -21.67
C GLN C 154 10.12 15.73 -22.01
N LEU C 155 10.95 14.80 -22.48
CA LEU C 155 10.48 13.45 -22.80
C LEU C 155 10.32 12.60 -21.56
N ALA C 156 11.20 12.81 -20.58
CA ALA C 156 11.37 11.92 -19.43
C ALA C 156 11.46 12.77 -18.15
N PRO C 157 10.34 13.33 -17.74
CA PRO C 157 10.35 14.28 -16.62
C PRO C 157 10.60 13.61 -15.27
N LEU C 158 11.11 14.38 -14.32
CA LEU C 158 11.15 14.01 -12.89
C LEU C 158 11.86 12.69 -12.64
N GLY C 159 12.92 12.43 -13.38
CA GLY C 159 13.67 11.21 -13.11
C GLY C 159 13.14 9.95 -13.75
N THR C 160 12.21 10.08 -14.70
CA THR C 160 11.68 8.93 -15.42
C THR C 160 12.77 8.03 -15.99
N MET C 161 13.79 8.62 -16.59
CA MET C 161 14.80 7.80 -17.21
C MET C 161 15.61 7.01 -16.20
N PHE C 162 15.94 7.62 -15.06
CA PHE C 162 16.56 6.85 -13.99
C PHE C 162 15.66 5.69 -13.56
N GLU C 163 14.38 5.96 -13.36
CA GLU C 163 13.49 4.93 -12.87
C GLU C 163 13.41 3.74 -13.82
N LEU C 164 13.24 4.02 -15.11
CA LEU C 164 13.18 2.90 -16.07
C LEU C 164 14.50 2.14 -16.11
N THR C 165 15.61 2.88 -16.08
CA THR C 165 16.92 2.24 -16.16
C THR C 165 17.15 1.37 -14.91
N ALA C 166 16.77 1.89 -13.74
CA ALA C 166 16.91 1.14 -12.50
C ALA C 166 16.05 -0.13 -12.52
N MET C 167 14.79 -0.03 -12.98
CA MET C 167 13.92 -1.19 -13.05
C MET C 167 14.51 -2.25 -13.97
N ILE C 168 15.01 -1.81 -15.13
CA ILE C 168 15.57 -2.75 -16.09
C ILE C 168 16.86 -3.38 -15.53
N PHE C 169 17.69 -2.58 -14.86
CA PHE C 169 18.88 -3.11 -14.21
C PHE C 169 18.52 -4.18 -13.18
N LEU C 170 17.52 -3.91 -12.34
CA LEU C 170 17.20 -4.88 -11.29
C LEU C 170 16.65 -6.16 -11.87
N ASP C 171 15.88 -6.08 -12.97
CA ASP C 171 15.43 -7.31 -13.62
C ASP C 171 16.62 -8.07 -14.26
N ALA C 172 17.58 -7.31 -14.80
CA ALA C 172 18.81 -7.94 -15.34
C ALA C 172 19.58 -8.64 -14.23
N LEU C 173 19.60 -8.02 -13.05
CA LEU C 173 20.29 -8.59 -11.89
C LEU C 173 19.62 -9.91 -11.49
N VAL C 174 18.29 -9.93 -11.50
CA VAL C 174 17.57 -11.16 -11.24
C VAL C 174 17.94 -12.27 -12.24
N ALA C 175 18.04 -11.94 -13.52
CA ALA C 175 18.44 -12.91 -14.54
C ALA C 175 19.81 -13.50 -14.21
N GLU C 176 20.70 -12.64 -13.76
CA GLU C 176 22.04 -13.07 -13.38
C GLU C 176 22.03 -13.97 -12.15
N ILE C 177 21.30 -13.57 -11.11
CA ILE C 177 21.20 -14.42 -9.93
C ILE C 177 20.58 -15.79 -10.25
N MET C 178 19.55 -15.84 -11.10
CA MET C 178 18.94 -17.12 -11.49
C MET C 178 20.00 -18.02 -12.12
N MET C 179 20.82 -17.44 -12.99
CA MET C 179 21.86 -18.23 -13.66
C MET C 179 22.86 -18.77 -12.62
N GLN C 180 23.30 -17.91 -11.71
CA GLN C 180 24.33 -18.29 -10.75
C GLN C 180 23.82 -19.37 -9.80
N LYS C 181 22.51 -19.36 -9.54
CA LYS C 181 21.87 -20.28 -8.60
C LYS C 181 21.22 -21.49 -9.24
N HIS C 182 21.31 -21.56 -10.57
CA HIS C 182 20.75 -22.65 -11.35
C HIS C 182 19.23 -22.72 -11.14
N LEU C 183 18.60 -21.56 -11.11
CA LEU C 183 17.14 -21.45 -11.02
C LEU C 183 16.53 -21.20 -12.39
N THR C 184 15.35 -21.77 -12.59
CA THR C 184 14.58 -21.60 -13.82
C THR C 184 13.27 -20.90 -13.49
N GLU C 185 12.53 -20.56 -14.55
CA GLU C 185 11.22 -19.98 -14.34
C GLU C 185 10.33 -20.86 -13.48
N LYS C 186 10.39 -22.18 -13.68
CA LYS C 186 9.54 -23.08 -12.90
C LYS C 186 9.81 -22.99 -11.38
N ASP C 187 11.08 -22.77 -11.01
CA ASP C 187 11.41 -22.59 -9.60
C ASP C 187 10.72 -21.36 -9.01
N LEU C 188 10.69 -20.27 -9.78
CA LEU C 188 10.03 -19.05 -9.31
C LEU C 188 8.52 -19.23 -9.29
N GLU C 189 7.98 -19.90 -10.30
CA GLU C 189 6.57 -20.21 -10.33
C GLU C 189 6.10 -20.96 -9.08
N ALA C 190 6.96 -21.80 -8.52
CA ALA C 190 6.60 -22.54 -7.30
C ALA C 190 6.26 -21.62 -6.12
N ARG C 191 6.90 -20.45 -6.10
CA ARG C 191 6.81 -19.57 -4.95
C ARG C 191 5.87 -18.39 -5.13
N HIS C 192 5.51 -18.07 -6.37
CA HIS C 192 4.77 -16.81 -6.57
C HIS C 192 3.32 -16.92 -6.07
N ALA C 193 2.80 -15.78 -5.61
CA ALA C 193 1.43 -15.68 -5.17
C ALA C 193 0.47 -15.95 -6.33
N VAL C 194 -0.66 -16.59 -6.05
CA VAL C 194 -1.62 -16.98 -7.08
C VAL C 194 -3.05 -16.50 -6.79
N LEU C 195 -3.32 -15.99 -5.59
CA LEU C 195 -4.71 -15.68 -5.26
C LEU C 195 -5.36 -14.61 -6.15
N GLU C 196 -4.61 -13.56 -6.46
CA GLU C 196 -5.16 -12.47 -7.29
C GLU C 196 -4.94 -12.66 -8.77
N GLU C 197 -4.17 -13.66 -9.17
CA GLU C 197 -3.87 -13.88 -10.57
C GLU C 197 -4.71 -15.02 -11.14
N GLY C 198 -4.97 -16.05 -10.34
CA GLY C 198 -5.50 -17.29 -10.88
C GLY C 198 -4.40 -18.13 -11.52
N GLY D 9 34.03 -12.33 -12.89
CA GLY D 9 32.56 -12.10 -12.99
C GLY D 9 32.22 -11.38 -14.28
N GLY D 10 31.92 -12.17 -15.32
CA GLY D 10 31.55 -11.62 -16.61
C GLY D 10 30.10 -11.18 -16.62
N HIS D 11 29.28 -11.79 -15.76
CA HIS D 11 27.86 -11.43 -15.60
C HIS D 11 27.16 -11.42 -16.97
N MET D 12 27.41 -12.47 -17.74
CA MET D 12 26.94 -12.54 -19.12
C MET D 12 25.42 -12.54 -19.22
N SER D 13 24.74 -13.11 -18.23
CA SER D 13 23.28 -13.14 -18.27
C SER D 13 22.69 -11.75 -18.03
N LEU D 14 23.29 -11.01 -17.11
CA LEU D 14 22.88 -9.63 -16.88
C LEU D 14 22.98 -8.84 -18.20
N LEU D 15 24.11 -8.97 -18.88
CA LEU D 15 24.34 -8.19 -20.09
C LEU D 15 23.41 -8.64 -21.21
N ARG D 16 23.22 -9.95 -21.32
CA ARG D 16 22.30 -10.47 -22.31
C ARG D 16 20.86 -9.95 -22.09
N PHE D 17 20.42 -9.92 -20.83
CA PHE D 17 19.11 -9.38 -20.52
C PHE D 17 18.97 -7.97 -21.05
N LEU D 18 19.99 -7.14 -20.83
CA LEU D 18 19.93 -5.76 -21.31
C LEU D 18 19.82 -5.71 -22.84
N GLU D 19 20.56 -6.58 -23.53
CA GLU D 19 20.47 -6.61 -24.99
C GLU D 19 19.07 -7.00 -25.43
N VAL D 20 18.48 -7.97 -24.75
CA VAL D 20 17.13 -8.43 -25.10
C VAL D 20 16.14 -7.27 -24.90
N VAL D 21 16.25 -6.54 -23.78
CA VAL D 21 15.36 -5.42 -23.54
C VAL D 21 15.42 -4.41 -24.70
N SER D 22 16.63 -4.06 -25.12
CA SER D 22 16.74 -3.11 -26.22
C SER D 22 16.02 -3.62 -27.48
N GLU D 23 16.17 -4.91 -27.81
CA GLU D 23 15.46 -5.47 -28.97
C GLU D 23 13.95 -5.36 -28.78
N HIS D 24 13.45 -5.63 -27.58
CA HIS D 24 12.03 -5.50 -27.34
C HIS D 24 11.50 -4.08 -27.44
N ILE D 25 12.30 -3.09 -27.01
CA ILE D 25 11.85 -1.70 -27.11
C ILE D 25 11.79 -1.30 -28.58
N LYS D 26 12.80 -1.70 -29.36
CA LYS D 26 12.80 -1.44 -30.81
C LYS D 26 11.57 -2.10 -31.47
N ASN D 27 11.26 -3.33 -31.05
CA ASN D 27 10.10 -4.03 -31.58
C ASN D 27 8.79 -3.28 -31.27
N LEU D 28 8.66 -2.80 -30.03
CA LEU D 28 7.51 -2.01 -29.65
C LEU D 28 7.38 -0.78 -30.53
N ARG D 29 8.46 -0.04 -30.69
CA ARG D 29 8.41 1.20 -31.45
C ARG D 29 8.04 0.91 -32.90
N ASN D 30 8.62 -0.16 -33.46
CA ASN D 30 8.41 -0.48 -34.85
C ASN D 30 6.98 -0.88 -35.18
N HIS D 31 6.27 -1.46 -34.21
CA HIS D 31 5.00 -2.08 -34.49
C HIS D 31 3.81 -1.44 -33.81
N ILE D 32 4.05 -0.34 -33.10
CA ILE D 32 2.95 0.24 -32.31
C ILE D 32 1.83 0.79 -33.20
N ASP D 33 0.58 0.53 -32.77
CA ASP D 33 -0.58 1.01 -33.49
C ASP D 33 -0.88 2.42 -33.03
N LEU D 34 -0.52 3.39 -33.86
CA LEU D 34 -0.62 4.78 -33.47
C LEU D 34 -2.07 5.23 -33.36
N GLU D 35 -2.95 4.59 -34.13
CA GLU D 35 -4.38 4.88 -34.03
C GLU D 35 -4.92 4.47 -32.66
N THR D 36 -4.52 3.30 -32.18
CA THR D 36 -4.96 2.85 -30.86
C THR D 36 -4.41 3.76 -29.76
N VAL D 37 -3.17 4.21 -29.92
CA VAL D 37 -2.61 5.22 -29.02
C VAL D 37 -3.51 6.47 -28.95
N GLY D 38 -3.91 6.98 -30.11
CA GLY D 38 -4.81 8.14 -30.17
C GLY D 38 -6.11 7.89 -29.43
N GLU D 39 -6.67 6.70 -29.61
CA GLU D 39 -7.96 6.36 -28.96
C GLU D 39 -7.78 6.29 -27.43
N MET D 40 -6.63 5.78 -26.99
CA MET D 40 -6.36 5.72 -25.55
C MET D 40 -6.27 7.13 -24.97
N ILE D 41 -5.53 7.99 -25.67
CA ILE D 41 -5.40 9.38 -25.24
C ILE D 41 -6.77 10.09 -25.20
N LYS D 42 -7.58 9.85 -26.22
CA LYS D 42 -8.90 10.49 -26.27
C LYS D 42 -9.75 10.08 -25.06
N LEU D 43 -9.74 8.79 -24.71
CA LEU D 43 -10.49 8.36 -23.50
C LEU D 43 -9.98 8.97 -22.23
N ILE D 44 -8.66 8.99 -22.06
CA ILE D 44 -8.08 9.60 -20.86
C ILE D 44 -8.46 11.09 -20.79
N ASP D 45 -8.37 11.78 -21.92
CA ASP D 45 -8.56 13.22 -21.93
C ASP D 45 -10.02 13.67 -21.78
N SER D 46 -10.96 12.77 -22.06
CA SER D 46 -12.37 13.10 -21.94
C SER D 46 -13.04 12.55 -20.68
N ALA D 47 -12.33 11.70 -19.92
CA ALA D 47 -12.90 11.12 -18.70
C ALA D 47 -13.05 12.13 -17.58
N ARG D 48 -14.08 11.95 -16.74
CA ARG D 48 -14.14 12.71 -15.49
C ARG D 48 -12.87 12.39 -14.68
N SER D 49 -12.60 11.10 -14.51
CA SER D 49 -11.37 10.65 -13.82
C SER D 49 -10.93 9.32 -14.41
N ILE D 50 -9.65 9.04 -14.19
CA ILE D 50 -9.05 7.82 -14.67
C ILE D 50 -8.79 6.93 -13.45
N PHE D 51 -9.22 5.69 -13.54
CA PHE D 51 -8.90 4.68 -12.53
C PHE D 51 -7.94 3.69 -13.14
N VAL D 52 -7.01 3.15 -12.33
CA VAL D 52 -6.07 2.17 -12.85
C VAL D 52 -6.07 0.93 -11.97
N ILE D 53 -5.73 -0.21 -12.58
CA ILE D 53 -5.63 -1.46 -11.83
C ILE D 53 -4.67 -2.42 -12.47
N GLY D 54 -3.92 -3.10 -11.64
CA GLY D 54 -3.16 -4.30 -12.05
C GLY D 54 -2.89 -5.12 -10.80
N ALA D 55 -2.64 -6.42 -10.97
CA ALA D 55 -2.28 -7.30 -9.84
C ALA D 55 -0.75 -7.41 -9.75
N GLY D 56 -0.21 -7.48 -8.53
CA GLY D 56 1.20 -7.72 -8.33
C GLY D 56 2.06 -6.68 -9.01
N ARG D 57 3.08 -7.15 -9.74
CA ARG D 57 3.97 -6.20 -10.41
C ARG D 57 3.27 -5.29 -11.43
N SER D 58 2.22 -5.81 -12.11
CA SER D 58 1.47 -4.95 -13.00
C SER D 58 0.71 -3.88 -12.22
N GLY D 59 0.36 -4.16 -10.96
CA GLY D 59 -0.18 -3.11 -10.09
C GLY D 59 0.79 -2.00 -9.84
N TYR D 60 2.07 -2.35 -9.64
CA TYR D 60 3.10 -1.33 -9.43
C TYR D 60 3.27 -0.46 -10.68
N ILE D 61 3.13 -1.06 -11.87
CA ILE D 61 3.17 -0.32 -13.14
C ILE D 61 1.96 0.60 -13.20
N ALA D 62 0.79 0.08 -12.87
CA ALA D 62 -0.42 0.91 -12.85
C ALA D 62 -0.26 2.11 -11.93
N LYS D 63 0.32 1.92 -10.75
CA LYS D 63 0.50 3.02 -9.80
C LYS D 63 1.50 4.03 -10.36
N ALA D 64 2.58 3.59 -11.00
CA ALA D 64 3.52 4.51 -11.60
C ALA D 64 2.85 5.40 -12.64
N PHE D 65 2.03 4.77 -13.48
CA PHE D 65 1.32 5.49 -14.51
C PHE D 65 0.29 6.47 -13.89
N ALA D 66 -0.45 6.03 -12.87
CA ALA D 66 -1.42 6.90 -12.21
C ALA D 66 -0.73 8.14 -11.64
N MET D 67 0.42 7.96 -11.00
CA MET D 67 1.12 9.09 -10.42
C MET D 67 1.45 10.12 -11.50
N ARG D 68 1.95 9.64 -12.64
CA ARG D 68 2.25 10.54 -13.76
C ARG D 68 1.02 11.21 -14.30
N LEU D 69 -0.10 10.49 -14.44
CA LEU D 69 -1.34 11.16 -14.89
C LEU D 69 -1.72 12.29 -13.93
N MET D 70 -1.52 12.08 -12.64
CA MET D 70 -1.79 13.14 -11.65
C MET D 70 -0.87 14.33 -11.94
N HIS D 71 0.40 14.07 -12.20
CA HIS D 71 1.34 15.16 -12.54
C HIS D 71 0.89 15.94 -13.76
N LEU D 72 0.25 15.27 -14.72
CA LEU D 72 -0.25 15.91 -15.95
C LEU D 72 -1.52 16.72 -15.72
N GLY D 73 -2.10 16.64 -14.51
CA GLY D 73 -3.25 17.43 -14.14
C GLY D 73 -4.58 16.68 -14.23
N TYR D 74 -4.54 15.36 -14.43
CA TYR D 74 -5.77 14.58 -14.45
C TYR D 74 -6.20 14.24 -13.04
N THR D 75 -7.50 13.98 -12.90
CA THR D 75 -8.02 13.38 -11.67
C THR D 75 -7.93 11.88 -11.84
N VAL D 76 -7.21 11.23 -10.92
CA VAL D 76 -6.82 9.84 -11.14
C VAL D 76 -6.81 9.08 -9.82
N TYR D 77 -7.16 7.79 -9.89
CA TYR D 77 -7.21 6.94 -8.70
C TYR D 77 -6.72 5.54 -9.01
N VAL D 78 -6.28 4.85 -7.97
CA VAL D 78 -5.86 3.44 -8.07
C VAL D 78 -6.95 2.60 -7.45
N VAL D 79 -7.48 1.64 -8.19
CA VAL D 79 -8.52 0.77 -7.64
C VAL D 79 -8.03 0.09 -6.35
N GLY D 80 -8.88 0.17 -5.33
CA GLY D 80 -8.60 -0.46 -4.04
C GLY D 80 -7.90 0.42 -3.04
N GLU D 81 -7.42 1.59 -3.46
CA GLU D 81 -6.64 2.44 -2.54
C GLU D 81 -7.55 3.35 -1.73
N THR D 82 -6.97 4.02 -0.76
CA THR D 82 -7.74 4.61 0.33
C THR D 82 -8.79 5.65 -0.13
N VAL D 83 -8.37 6.63 -0.93
CA VAL D 83 -9.25 7.77 -1.22
C VAL D 83 -9.99 7.60 -2.55
N THR D 84 -9.90 6.42 -3.15
CA THR D 84 -10.56 6.17 -4.42
C THR D 84 -12.07 6.17 -4.22
N PRO D 85 -12.79 7.02 -4.96
CA PRO D 85 -14.25 7.10 -4.83
C PRO D 85 -14.95 6.12 -5.80
N ARG D 86 -16.27 6.10 -5.71
CA ARG D 86 -17.10 5.30 -6.58
C ARG D 86 -16.80 5.60 -8.05
N ILE D 87 -16.53 4.55 -8.81
CA ILE D 87 -16.38 4.68 -10.25
C ILE D 87 -17.75 4.84 -10.91
N THR D 88 -17.77 5.63 -11.99
CA THR D 88 -19.03 5.90 -12.71
C THR D 88 -18.88 5.77 -14.20
N ASP D 89 -20.01 5.93 -14.91
CA ASP D 89 -20.00 5.90 -16.36
C ASP D 89 -19.36 7.13 -17.02
N GLN D 90 -18.85 8.06 -16.22
CA GLN D 90 -18.09 9.22 -16.74
C GLN D 90 -16.60 8.93 -16.74
N ASP D 91 -16.19 7.77 -16.21
CA ASP D 91 -14.78 7.49 -15.98
C ASP D 91 -14.21 6.48 -16.97
N VAL D 92 -12.89 6.35 -16.97
CA VAL D 92 -12.20 5.30 -17.72
C VAL D 92 -11.35 4.51 -16.74
N LEU D 93 -11.36 3.19 -16.90
CA LEU D 93 -10.50 2.27 -16.17
C LEU D 93 -9.41 1.76 -17.08
N VAL D 94 -8.16 1.84 -16.62
CA VAL D 94 -7.05 1.26 -17.38
C VAL D 94 -6.58 0.03 -16.61
N GLY D 95 -6.69 -1.14 -17.25
CA GLY D 95 -6.29 -2.39 -16.64
C GLY D 95 -5.07 -2.93 -17.32
N ILE D 96 -4.10 -3.34 -16.51
CA ILE D 96 -2.84 -3.89 -17.03
C ILE D 96 -2.73 -5.35 -16.62
N SER D 97 -2.61 -6.22 -17.62
CA SER D 97 -2.50 -7.66 -17.40
C SER D 97 -1.83 -8.29 -18.60
N GLY D 98 -0.69 -8.95 -18.37
CA GLY D 98 0.06 -9.58 -19.46
C GLY D 98 -0.77 -10.62 -20.22
N SER D 99 -1.35 -11.54 -19.47
CA SER D 99 -2.17 -12.59 -20.06
C SER D 99 -3.55 -12.14 -20.47
N GLY D 100 -4.05 -11.05 -19.86
CA GLY D 100 -5.43 -10.64 -20.07
C GLY D 100 -6.41 -11.56 -19.38
N GLU D 101 -5.91 -12.44 -18.50
CA GLU D 101 -6.77 -13.39 -17.79
C GLU D 101 -6.65 -13.29 -16.27
N THR D 102 -5.84 -12.34 -15.78
CA THR D 102 -5.65 -12.13 -14.34
C THR D 102 -7.01 -12.02 -13.68
N THR D 103 -7.35 -12.96 -12.81
CA THR D 103 -8.74 -13.09 -12.41
C THR D 103 -9.27 -11.86 -11.66
N SER D 104 -8.47 -11.30 -10.76
CA SER D 104 -8.93 -10.16 -9.98
C SER D 104 -9.21 -8.97 -10.92
N VAL D 105 -8.34 -8.79 -11.89
CA VAL D 105 -8.42 -7.67 -12.82
C VAL D 105 -9.59 -7.85 -13.81
N VAL D 106 -9.76 -9.05 -14.33
CA VAL D 106 -10.90 -9.35 -15.16
C VAL D 106 -12.21 -9.11 -14.42
N ASN D 107 -12.29 -9.58 -13.17
CA ASN D 107 -13.53 -9.43 -12.40
C ASN D 107 -13.85 -7.97 -12.10
N ILE D 108 -12.81 -7.20 -11.71
CA ILE D 108 -13.01 -5.77 -11.45
C ILE D 108 -13.37 -5.03 -12.73
N SER D 109 -12.68 -5.36 -13.83
CA SER D 109 -12.96 -4.69 -15.09
C SER D 109 -14.37 -4.96 -15.62
N LYS D 110 -14.86 -6.18 -15.44
CA LYS D 110 -16.21 -6.45 -15.84
C LYS D 110 -17.20 -5.65 -15.00
N LYS D 111 -16.97 -5.51 -13.70
CA LYS D 111 -17.83 -4.70 -12.84
C LYS D 111 -17.84 -3.25 -13.33
N ALA D 112 -16.64 -2.72 -13.61
CA ALA D 112 -16.55 -1.36 -14.18
C ALA D 112 -17.38 -1.21 -15.47
N LYS D 113 -17.26 -2.19 -16.36
CA LYS D 113 -18.02 -2.15 -17.61
C LYS D 113 -19.54 -2.20 -17.34
N ASP D 114 -19.95 -3.00 -16.35
CA ASP D 114 -21.37 -3.07 -16.02
C ASP D 114 -21.91 -1.74 -15.47
N ILE D 115 -21.09 -1.01 -14.72
CA ILE D 115 -21.44 0.35 -14.26
C ILE D 115 -21.50 1.33 -15.44
N GLY D 116 -20.75 1.05 -16.49
CA GLY D 116 -20.75 1.88 -17.69
C GLY D 116 -19.46 2.66 -17.91
N SER D 117 -18.44 2.42 -17.09
CA SER D 117 -17.13 3.03 -17.35
C SER D 117 -16.58 2.54 -18.69
N LYS D 118 -15.72 3.35 -19.28
CA LYS D 118 -14.93 2.87 -20.41
C LYS D 118 -13.73 2.08 -19.87
N LEU D 119 -13.17 1.21 -20.71
CA LEU D 119 -12.07 0.33 -20.32
C LEU D 119 -10.97 0.33 -21.39
N VAL D 120 -9.74 0.58 -20.93
CA VAL D 120 -8.55 0.37 -21.76
C VAL D 120 -7.80 -0.82 -21.18
N ALA D 121 -7.49 -1.80 -22.04
CA ALA D 121 -6.71 -2.95 -21.60
C ALA D 121 -5.30 -2.82 -22.14
N VAL D 122 -4.29 -2.92 -21.28
CA VAL D 122 -2.90 -3.03 -21.70
C VAL D 122 -2.49 -4.47 -21.44
N THR D 123 -2.30 -5.24 -22.52
CA THR D 123 -2.16 -6.69 -22.40
C THR D 123 -1.34 -7.22 -23.57
N GLY D 124 -0.81 -8.43 -23.39
CA GLY D 124 -0.07 -9.12 -24.44
C GLY D 124 -0.95 -9.99 -25.30
N LYS D 125 -2.22 -10.14 -24.94
CA LYS D 125 -3.07 -11.15 -25.57
C LYS D 125 -4.34 -10.53 -26.12
N ARG D 126 -4.41 -10.32 -27.44
CA ARG D 126 -5.50 -9.57 -28.04
C ARG D 126 -6.84 -10.29 -27.98
N ASP D 127 -6.82 -11.60 -27.75
CA ASP D 127 -8.09 -12.36 -27.72
C ASP D 127 -8.50 -12.75 -26.30
N SER D 128 -7.81 -12.18 -25.32
CA SER D 128 -8.05 -12.54 -23.92
C SER D 128 -9.35 -11.94 -23.38
N SER D 129 -9.77 -12.44 -22.23
CA SER D 129 -10.97 -11.96 -21.58
C SER D 129 -10.93 -10.43 -21.39
N LEU D 130 -9.80 -9.92 -20.90
CA LEU D 130 -9.68 -8.48 -20.64
C LEU D 130 -9.74 -7.71 -21.96
N ALA D 131 -9.03 -8.18 -22.97
CA ALA D 131 -9.04 -7.47 -24.25
C ALA D 131 -10.44 -7.44 -24.87
N LYS D 132 -11.16 -8.55 -24.80
CA LYS D 132 -12.43 -8.63 -25.52
C LYS D 132 -13.50 -7.74 -24.87
N MET D 133 -13.37 -7.44 -23.58
CA MET D 133 -14.33 -6.55 -22.92
C MET D 133 -13.97 -5.06 -23.05
N ALA D 134 -12.77 -4.77 -23.53
CA ALA D 134 -12.27 -3.40 -23.50
C ALA D 134 -12.72 -2.55 -24.67
N ASP D 135 -12.84 -1.26 -24.43
CA ASP D 135 -13.10 -0.29 -25.50
C ASP D 135 -11.87 -0.06 -26.40
N VAL D 136 -10.69 -0.05 -25.77
CA VAL D 136 -9.42 0.15 -26.48
C VAL D 136 -8.48 -0.90 -25.94
N VAL D 137 -7.84 -1.62 -26.85
CA VAL D 137 -6.87 -2.64 -26.51
C VAL D 137 -5.48 -2.22 -26.98
N MET D 138 -4.62 -1.94 -26.03
CA MET D 138 -3.23 -1.66 -26.35
C MET D 138 -2.46 -2.95 -26.20
N VAL D 139 -2.07 -3.55 -27.33
CA VAL D 139 -1.35 -4.80 -27.30
C VAL D 139 0.14 -4.56 -27.18
N VAL D 140 0.67 -4.92 -26.01
CA VAL D 140 2.08 -4.81 -25.71
C VAL D 140 2.56 -6.23 -25.48
N LYS D 141 3.48 -6.70 -26.31
CA LYS D 141 3.85 -8.10 -26.26
C LYS D 141 4.95 -8.40 -25.24
N GLY D 142 4.94 -9.61 -24.72
CA GLY D 142 6.10 -10.16 -24.03
C GLY D 142 7.01 -10.82 -25.05
N LYS D 143 6.77 -12.08 -25.35
CA LYS D 143 7.57 -12.78 -26.37
C LYS D 143 7.37 -12.22 -27.80
N MET D 144 8.47 -12.04 -28.52
CA MET D 144 8.44 -11.63 -29.92
C MET D 144 8.34 -12.83 -30.86
N LYS D 145 7.90 -12.54 -32.08
CA LYS D 145 7.63 -13.59 -33.06
C LYS D 145 8.76 -14.58 -33.30
N GLN D 146 9.97 -14.09 -33.46
CA GLN D 146 11.10 -14.98 -33.81
C GLN D 146 12.02 -15.27 -32.64
N GLU D 147 11.50 -15.07 -31.45
CA GLU D 147 12.23 -15.23 -30.22
C GLU D 147 11.88 -16.54 -29.60
N ARG D 148 12.92 -17.30 -29.25
CA ARG D 148 12.72 -18.59 -28.64
C ARG D 148 12.19 -18.45 -27.24
N ASP D 149 11.04 -19.06 -26.99
CA ASP D 149 10.39 -18.93 -25.69
C ASP D 149 11.23 -19.35 -24.48
N GLU D 150 11.97 -20.44 -24.63
CA GLU D 150 12.75 -20.99 -23.51
C GLU D 150 13.84 -20.02 -23.08
N ILE D 151 14.40 -19.28 -24.02
CA ILE D 151 15.43 -18.32 -23.70
C ILE D 151 14.79 -17.15 -22.94
N LEU D 152 13.69 -16.65 -23.48
CA LEU D 152 13.04 -15.48 -22.88
C LEU D 152 12.58 -15.77 -21.45
N SER D 153 12.04 -16.96 -21.23
CA SER D 153 11.52 -17.32 -19.92
C SER D 153 12.59 -17.51 -18.85
N GLN D 154 13.78 -17.94 -19.26
CA GLN D 154 14.91 -18.03 -18.34
C GLN D 154 15.43 -16.66 -17.96
N LEU D 155 15.52 -15.75 -18.93
CA LEU D 155 16.04 -14.42 -18.64
C LEU D 155 15.00 -13.50 -17.98
N ALA D 156 13.74 -13.70 -18.34
CA ALA D 156 12.67 -12.76 -18.01
C ALA D 156 11.46 -13.56 -17.57
N PRO D 157 11.55 -14.18 -16.40
CA PRO D 157 10.52 -15.12 -15.95
C PRO D 157 9.21 -14.44 -15.60
N LEU D 158 8.12 -15.19 -15.64
CA LEU D 158 6.83 -14.75 -15.09
C LEU D 158 6.31 -13.46 -15.71
N GLY D 159 6.56 -13.24 -17.00
CA GLY D 159 6.03 -12.02 -17.62
C GLY D 159 6.85 -10.76 -17.42
N THR D 160 8.11 -10.90 -16.96
CA THR D 160 8.99 -9.74 -16.76
C THR D 160 9.06 -8.86 -18.01
N MET D 161 9.18 -9.47 -19.18
CA MET D 161 9.34 -8.67 -20.38
C MET D 161 8.08 -7.89 -20.79
N PHE D 162 6.91 -8.50 -20.64
CA PHE D 162 5.66 -7.76 -20.82
C PHE D 162 5.65 -6.55 -19.89
N GLU D 163 6.00 -6.78 -18.63
CA GLU D 163 5.90 -5.71 -17.64
C GLU D 163 6.82 -4.55 -17.97
N LEU D 164 8.08 -4.85 -18.30
CA LEU D 164 9.01 -3.77 -18.66
C LEU D 164 8.53 -3.02 -19.91
N THR D 165 8.03 -3.77 -20.90
CA THR D 165 7.63 -3.17 -22.14
C THR D 165 6.37 -2.29 -21.87
N ALA D 166 5.45 -2.76 -21.02
CA ALA D 166 4.25 -1.98 -20.70
C ALA D 166 4.62 -0.70 -19.94
N MET D 167 5.57 -0.79 -19.01
CA MET D 167 5.98 0.40 -18.28
C MET D 167 6.59 1.43 -19.23
N ILE D 168 7.45 0.94 -20.14
CA ILE D 168 8.09 1.84 -21.10
C ILE D 168 7.06 2.46 -22.04
N PHE D 169 6.10 1.66 -22.50
CA PHE D 169 5.02 2.21 -23.30
C PHE D 169 4.26 3.31 -22.56
N LEU D 170 3.90 3.07 -21.29
CA LEU D 170 3.11 4.06 -20.56
C LEU D 170 3.92 5.34 -20.33
N ASP D 171 5.23 5.25 -20.08
CA ASP D 171 6.00 6.49 -20.00
C ASP D 171 6.11 7.19 -21.35
N ALA D 172 6.16 6.43 -22.44
CA ALA D 172 6.15 7.03 -23.77
C ALA D 172 4.84 7.77 -24.02
N LEU D 173 3.74 7.16 -23.57
CA LEU D 173 2.43 7.78 -23.66
C LEU D 173 2.40 9.10 -22.88
N VAL D 174 3.03 9.13 -21.71
CA VAL D 174 3.11 10.36 -20.93
C VAL D 174 3.88 11.42 -21.73
N ALA D 175 4.99 11.04 -22.36
CA ALA D 175 5.76 12.00 -23.18
C ALA D 175 4.89 12.61 -24.27
N GLU D 176 4.08 11.77 -24.91
CA GLU D 176 3.14 12.22 -25.93
C GLU D 176 2.10 13.19 -25.41
N ILE D 177 1.49 12.85 -24.27
CA ILE D 177 0.47 13.72 -23.69
C ILE D 177 1.10 15.05 -23.29
N MET D 178 2.30 15.04 -22.71
CA MET D 178 3.02 16.28 -22.38
C MET D 178 3.15 17.16 -23.60
N MET D 179 3.56 16.56 -24.73
CA MET D 179 3.77 17.37 -25.94
C MET D 179 2.43 17.94 -26.41
N GLN D 180 1.40 17.11 -26.46
CA GLN D 180 0.09 17.56 -26.90
C GLN D 180 -0.45 18.70 -26.02
N LYS D 181 -0.18 18.65 -24.72
CA LYS D 181 -0.70 19.65 -23.78
C LYS D 181 0.25 20.80 -23.56
N HIS D 182 1.38 20.80 -24.26
CA HIS D 182 2.40 21.85 -24.16
C HIS D 182 2.93 21.98 -22.72
N LEU D 183 3.08 20.84 -22.07
CA LEU D 183 3.63 20.81 -20.72
C LEU D 183 5.12 20.55 -20.73
N THR D 184 5.81 21.15 -19.78
CA THR D 184 7.21 20.83 -19.53
C THR D 184 7.32 20.18 -18.17
N GLU D 185 8.52 19.77 -17.83
CA GLU D 185 8.81 19.23 -16.51
C GLU D 185 8.39 20.16 -15.36
N LYS D 186 8.61 21.46 -15.52
CA LYS D 186 8.25 22.42 -14.49
C LYS D 186 6.76 22.38 -14.13
N ASP D 187 5.91 22.14 -15.14
CA ASP D 187 4.47 22.06 -14.93
C ASP D 187 4.14 20.87 -14.05
N LEU D 188 4.86 19.77 -14.26
CA LEU D 188 4.63 18.54 -13.51
C LEU D 188 5.17 18.71 -12.08
N GLU D 189 6.25 19.46 -11.95
CA GLU D 189 6.87 19.75 -10.66
C GLU D 189 5.91 20.46 -9.73
N ALA D 190 5.04 21.29 -10.29
CA ALA D 190 4.03 22.01 -9.50
C ALA D 190 3.05 21.08 -8.78
N ARG D 191 2.89 19.86 -9.29
CA ARG D 191 1.86 18.95 -8.79
C ARG D 191 2.41 17.78 -8.00
N HIS D 192 3.70 17.47 -8.18
CA HIS D 192 4.25 16.28 -7.54
C HIS D 192 4.46 16.39 -6.04
N ALA D 193 4.28 15.27 -5.37
CA ALA D 193 4.34 15.22 -3.92
C ALA D 193 5.76 15.49 -3.47
N VAL D 194 5.91 16.22 -2.36
CA VAL D 194 7.26 16.58 -1.90
C VAL D 194 7.57 16.10 -0.48
N LEU D 195 6.58 15.60 0.26
CA LEU D 195 6.81 15.35 1.68
C LEU D 195 7.84 14.23 1.92
N GLU D 196 7.82 13.20 1.08
CA GLU D 196 8.79 12.08 1.22
C GLU D 196 10.08 12.25 0.44
N GLU D 197 10.14 13.25 -0.42
CA GLU D 197 11.26 13.37 -1.36
C GLU D 197 12.13 14.54 -1.00
N GLY D 198 11.53 15.61 -0.47
CA GLY D 198 12.26 16.84 -0.16
C GLY D 198 12.49 17.69 -1.40
#